data_4IE3
#
_entry.id   4IE3
#
_cell.length_a   128.086
_cell.length_b   128.086
_cell.length_c   159.079
_cell.angle_alpha   90.000
_cell.angle_beta   90.000
_cell.angle_gamma   90.000
#
_symmetry.space_group_name_H-M   'P 42 21 2'
#
loop_
_entity.id
_entity.type
_entity.pdbx_description
1 polymer 'Arginase-2, mitochondrial'
2 non-polymer 'MANGANESE (II) ION'
3 non-polymer BENZAMIDINE
4 non-polymer BETA-MERCAPTOETHANOL
5 non-polymer [(5R)-5-amino-5-carboxy-7-(4-hydroxypiperidin-1-yl)heptyl](trihydroxy)borate(1-)
6 water water
#
_entity_poly.entity_id   1
_entity_poly.type   'polypeptide(L)'
_entity_poly.pdbx_seq_one_letter_code
;HSVAVIGAPFSQGQKRKGVEHGPAAIREAGLMKRLSSLGCHLKDFGDLSFTPVPKDDLYNNLIVNPRSVGLANQELAEVV
SRAVSDGYSCVTLGGDHSLAIGTISGHARHCPDLCVVWVDAHADINTPLTTSSGNLHGQPVSFLLRELQDKVPQLPGFSW
IKPCISSASIVYIGLRDVDPPEHFILKNYDIQYFSMRDIDRLGIQKVMERTFDLLIGKRQRPIHLSFDIDAFDPTLAPAT
GTPVVGGLTYREGMYIAEEIHNTGLLSALDLVEVNPQLATSEEEAKTTANLAVDVIASSFGQTREG
;
_entity_poly.pdbx_strand_id   A,B,C
#
loop_
_chem_comp.id
_chem_comp.type
_chem_comp.name
_chem_comp.formula
1EE non-polymer [(5R)-5-amino-5-carboxy-7-(4-hydroxypiperidin-1-yl)heptyl](trihydroxy)borate(1-) 'C13 H28 B N2 O6 -1'
BEN non-polymer BENZAMIDINE 'C7 H8 N2'
BME non-polymer BETA-MERCAPTOETHANOL 'C2 H6 O S'
MN non-polymer 'MANGANESE (II) ION' 'Mn 2'
#
# COMPACT_ATOMS: atom_id res chain seq x y z
N HIS A 1 5.35 -20.73 -28.46
CA HIS A 1 5.84 -20.60 -27.09
C HIS A 1 5.36 -21.77 -26.24
N SER A 2 6.31 -22.52 -25.70
CA SER A 2 6.02 -23.72 -24.93
C SER A 2 6.44 -23.54 -23.49
N VAL A 3 5.64 -24.07 -22.57
CA VAL A 3 5.92 -24.00 -21.14
C VAL A 3 5.76 -25.39 -20.53
N ALA A 4 6.77 -25.82 -19.77
CA ALA A 4 6.68 -27.04 -18.97
C ALA A 4 6.38 -26.71 -17.53
N VAL A 5 5.49 -27.49 -16.92
CA VAL A 5 5.16 -27.29 -15.53
C VAL A 5 5.57 -28.52 -14.72
N ILE A 6 6.39 -28.29 -13.69
CA ILE A 6 6.88 -29.37 -12.86
C ILE A 6 6.56 -29.11 -11.40
N GLY A 7 5.82 -30.03 -10.79
CA GLY A 7 5.59 -29.96 -9.36
C GLY A 7 6.76 -30.58 -8.61
N ALA A 8 7.40 -29.81 -7.74
CA ALA A 8 8.47 -30.31 -6.88
C ALA A 8 8.07 -30.21 -5.41
N PRO A 9 7.36 -31.21 -4.91
CA PRO A 9 6.89 -31.16 -3.53
C PRO A 9 7.98 -31.45 -2.47
N PHE A 10 8.99 -30.58 -2.44
N PHE A 10 9.02 -30.63 -2.41
CA PHE A 10 10.08 -30.55 -1.46
CA PHE A 10 10.03 -30.88 -1.41
C PHE A 10 9.57 -30.08 -0.11
C PHE A 10 9.85 -30.02 -0.16
N SER A 11 10.09 -30.64 0.98
CA SER A 11 9.88 -30.03 2.29
C SER A 11 11.12 -30.13 3.15
N GLN A 12 12.07 -30.96 2.72
CA GLN A 12 13.22 -31.30 3.55
CA GLN A 12 13.22 -31.30 3.55
C GLN A 12 14.32 -30.24 3.56
N GLY A 13 14.12 -29.18 2.78
CA GLY A 13 14.99 -28.01 2.84
C GLY A 13 14.74 -27.20 4.12
N GLN A 14 13.72 -27.58 4.87
CA GLN A 14 13.34 -26.86 6.09
C GLN A 14 12.56 -27.79 7.04
N LYS A 15 12.01 -27.25 8.13
CA LYS A 15 11.47 -28.10 9.21
C LYS A 15 9.95 -28.06 9.37
N ARG A 16 9.26 -27.19 8.63
CA ARG A 16 7.81 -27.03 8.80
C ARG A 16 7.00 -27.88 7.82
N LYS A 17 6.09 -28.67 8.36
CA LYS A 17 5.25 -29.53 7.52
C LYS A 17 4.32 -28.71 6.63
N GLY A 18 4.08 -29.22 5.42
CA GLY A 18 3.01 -28.71 4.58
C GLY A 18 3.41 -28.04 3.27
N VAL A 19 4.62 -27.52 3.20
CA VAL A 19 5.06 -26.81 2.00
C VAL A 19 5.07 -27.76 0.79
N GLU A 20 5.15 -29.06 1.05
CA GLU A 20 5.08 -30.04 -0.02
C GLU A 20 3.72 -30.08 -0.70
N HIS A 21 2.72 -29.40 -0.12
CA HIS A 21 1.40 -29.29 -0.75
C HIS A 21 1.24 -28.02 -1.57
N GLY A 22 2.29 -27.20 -1.62
CA GLY A 22 2.34 -26.03 -2.50
C GLY A 22 1.94 -26.27 -3.94
N PRO A 23 2.54 -27.28 -4.60
CA PRO A 23 2.21 -27.46 -6.03
C PRO A 23 0.73 -27.77 -6.26
N ALA A 24 0.17 -28.71 -5.49
CA ALA A 24 -1.25 -29.04 -5.62
C ALA A 24 -2.12 -27.79 -5.40
N ALA A 25 -1.74 -26.97 -4.42
CA ALA A 25 -2.49 -25.76 -4.12
C ALA A 25 -2.47 -24.77 -5.30
N ILE A 26 -1.30 -24.60 -5.90
CA ILE A 26 -1.16 -23.67 -7.02
C ILE A 26 -1.91 -24.16 -8.25
N ARG A 27 -1.87 -25.48 -8.50
CA ARG A 27 -2.64 -26.05 -9.59
C ARG A 27 -4.13 -25.86 -9.37
N GLU A 28 -4.59 -26.12 -8.15
CA GLU A 28 -6.00 -25.99 -7.75
CA GLU A 28 -6.01 -25.99 -7.82
C GLU A 28 -6.51 -24.57 -8.02
N ALA A 29 -5.64 -23.58 -7.86
CA ALA A 29 -5.99 -22.18 -8.10
C ALA A 29 -6.03 -21.82 -9.59
N GLY A 30 -5.94 -22.82 -10.46
CA GLY A 30 -6.17 -22.61 -11.88
C GLY A 30 -4.98 -22.24 -12.75
N LEU A 31 -3.78 -22.61 -12.33
CA LEU A 31 -2.55 -22.30 -13.08
C LEU A 31 -2.61 -22.65 -14.57
N MET A 32 -2.97 -23.89 -14.88
CA MET A 32 -2.89 -24.37 -16.26
C MET A 32 -3.78 -23.59 -17.24
N LYS A 33 -5.05 -23.35 -16.88
CA LYS A 33 -5.96 -22.57 -17.74
C LYS A 33 -5.41 -21.17 -17.96
N ARG A 34 -4.89 -20.57 -16.89
CA ARG A 34 -4.33 -19.23 -17.00
C ARG A 34 -3.17 -19.20 -18.00
N LEU A 35 -2.28 -20.19 -17.91
CA LEU A 35 -1.18 -20.27 -18.88
C LEU A 35 -1.70 -20.55 -20.28
N SER A 36 -2.64 -21.50 -20.39
CA SER A 36 -3.22 -21.83 -21.69
CA SER A 36 -3.24 -21.83 -21.67
C SER A 36 -3.83 -20.59 -22.34
N SER A 37 -4.56 -19.80 -21.55
CA SER A 37 -5.26 -18.62 -22.08
CA SER A 37 -5.26 -18.63 -22.09
C SER A 37 -4.28 -17.63 -22.70
N LEU A 38 -3.05 -17.63 -22.21
CA LEU A 38 -2.05 -16.73 -22.73
C LEU A 38 -1.50 -17.20 -24.05
N GLY A 39 -1.78 -18.45 -24.42
CA GLY A 39 -1.25 -19.02 -25.65
C GLY A 39 -0.05 -19.92 -25.42
N CYS A 40 0.19 -20.28 -24.17
CA CYS A 40 1.24 -21.22 -23.85
C CYS A 40 0.85 -22.63 -24.24
N HIS A 41 1.73 -23.31 -24.97
CA HIS A 41 1.61 -24.73 -25.21
C HIS A 41 2.20 -25.41 -23.99
N LEU A 42 1.43 -26.30 -23.38
CA LEU A 42 1.75 -26.81 -22.05
C LEU A 42 2.12 -28.28 -22.03
N LYS A 43 3.16 -28.58 -21.26
CA LYS A 43 3.53 -29.94 -20.95
C LYS A 43 3.56 -30.06 -19.44
N ASP A 44 2.69 -30.88 -18.88
CA ASP A 44 2.66 -31.05 -17.45
C ASP A 44 3.38 -32.34 -17.07
N PHE A 45 4.49 -32.20 -16.36
CA PHE A 45 5.24 -33.36 -15.87
C PHE A 45 4.63 -33.93 -14.59
N GLY A 46 3.55 -33.30 -14.12
CA GLY A 46 2.93 -33.69 -12.86
C GLY A 46 3.83 -33.35 -11.68
N ASP A 47 3.54 -33.95 -10.53
CA ASP A 47 4.40 -33.82 -9.36
C ASP A 47 5.41 -34.95 -9.32
N LEU A 48 6.68 -34.59 -9.20
CA LEU A 48 7.73 -35.59 -9.12
C LEU A 48 7.67 -36.30 -7.78
N SER A 49 8.04 -37.58 -7.78
CA SER A 49 8.29 -38.32 -6.53
C SER A 49 9.78 -38.53 -6.43
N PHE A 50 10.40 -37.96 -5.43
CA PHE A 50 11.85 -38.03 -5.31
C PHE A 50 12.28 -39.27 -4.56
N THR A 51 13.43 -39.81 -4.92
CA THR A 51 13.94 -40.99 -4.28
C THR A 51 14.40 -40.67 -2.85
N PRO A 52 13.90 -41.43 -1.86
CA PRO A 52 14.41 -41.17 -0.50
C PRO A 52 15.82 -41.73 -0.30
N VAL A 53 16.50 -41.20 0.71
CA VAL A 53 17.81 -41.71 1.09
C VAL A 53 17.75 -42.29 2.50
N PRO A 54 18.10 -43.58 2.66
CA PRO A 54 18.14 -44.19 3.99
C PRO A 54 19.14 -43.49 4.90
N LYS A 55 18.81 -43.40 6.18
CA LYS A 55 19.72 -42.96 7.22
C LYS A 55 20.39 -41.63 6.88
N ASP A 56 19.57 -40.64 6.54
CA ASP A 56 20.08 -39.37 6.08
C ASP A 56 20.39 -38.48 7.29
N ASP A 57 21.47 -38.83 7.98
CA ASP A 57 21.83 -38.17 9.23
C ASP A 57 22.21 -36.71 9.00
N LEU A 58 22.01 -35.90 10.04
CA LEU A 58 22.52 -34.54 10.07
C LEU A 58 23.96 -34.48 9.56
N TYR A 59 24.28 -33.44 8.82
CA TYR A 59 25.66 -33.17 8.46
C TYR A 59 26.25 -32.20 9.46
N ASN A 60 27.41 -32.54 10.02
CA ASN A 60 28.07 -31.68 10.98
C ASN A 60 27.16 -31.33 12.19
N ASN A 61 26.30 -32.28 12.56
CA ASN A 61 25.32 -32.06 13.62
C ASN A 61 24.52 -30.78 13.49
N LEU A 62 24.18 -30.40 12.25
CA LEU A 62 23.47 -29.15 12.01
C LEU A 62 22.61 -29.14 10.75
N ILE A 63 23.19 -29.50 9.62
CA ILE A 63 22.49 -29.43 8.35
C ILE A 63 21.56 -30.63 8.20
N VAL A 64 20.27 -30.34 8.06
CA VAL A 64 19.25 -31.37 8.08
C VAL A 64 18.96 -31.90 6.67
N ASN A 65 18.74 -33.22 6.58
CA ASN A 65 18.41 -33.90 5.33
C ASN A 65 19.34 -33.61 4.13
N PRO A 66 20.67 -33.58 4.35
CA PRO A 66 21.56 -33.23 3.23
C PRO A 66 21.44 -34.12 2.00
N ARG A 67 21.48 -35.44 2.17
CA ARG A 67 21.44 -36.35 1.03
C ARG A 67 20.08 -36.37 0.31
N SER A 68 19.00 -36.23 1.08
CA SER A 68 17.66 -36.18 0.52
C SER A 68 17.49 -34.93 -0.37
N VAL A 69 17.91 -33.79 0.15
CA VAL A 69 17.90 -32.55 -0.60
C VAL A 69 18.82 -32.64 -1.82
N GLY A 70 20.02 -33.19 -1.62
CA GLY A 70 20.98 -33.37 -2.70
C GLY A 70 20.43 -34.23 -3.82
N LEU A 71 19.91 -35.41 -3.46
CA LEU A 71 19.40 -36.34 -4.47
C LEU A 71 18.15 -35.81 -5.17
N ALA A 72 17.22 -35.24 -4.40
CA ALA A 72 15.99 -34.73 -4.99
C ALA A 72 16.30 -33.65 -6.04
N ASN A 73 17.27 -32.79 -5.73
CA ASN A 73 17.73 -31.77 -6.65
C ASN A 73 18.43 -32.35 -7.88
N GLN A 74 19.23 -33.40 -7.66
CA GLN A 74 19.86 -34.07 -8.79
C GLN A 74 18.79 -34.58 -9.74
N GLU A 75 17.75 -35.18 -9.19
CA GLU A 75 16.65 -35.71 -10.00
C GLU A 75 15.87 -34.58 -10.66
N LEU A 76 15.65 -33.50 -9.92
CA LEU A 76 14.94 -32.34 -10.45
C LEU A 76 15.72 -31.68 -11.59
N ALA A 77 17.04 -31.56 -11.44
CA ALA A 77 17.90 -30.98 -12.46
C ALA A 77 17.79 -31.75 -13.77
N GLU A 78 17.64 -33.07 -13.67
CA GLU A 78 17.53 -33.94 -14.83
C GLU A 78 16.25 -33.62 -15.60
N VAL A 79 15.15 -33.49 -14.87
CA VAL A 79 13.87 -33.19 -15.50
C VAL A 79 13.86 -31.80 -16.11
N VAL A 80 14.38 -30.83 -15.36
CA VAL A 80 14.46 -29.45 -15.85
C VAL A 80 15.33 -29.35 -17.09
N SER A 81 16.50 -29.98 -17.05
CA SER A 81 17.45 -29.96 -18.16
C SER A 81 16.81 -30.51 -19.43
N ARG A 82 16.13 -31.63 -19.29
CA ARG A 82 15.45 -32.27 -20.41
C ARG A 82 14.35 -31.38 -21.01
N ALA A 83 13.57 -30.74 -20.16
CA ALA A 83 12.49 -29.89 -20.65
C ALA A 83 13.01 -28.61 -21.34
N VAL A 84 14.08 -28.03 -20.81
CA VAL A 84 14.61 -26.82 -21.39
C VAL A 84 15.28 -27.15 -22.71
N SER A 85 15.91 -28.32 -22.78
CA SER A 85 16.55 -28.75 -24.01
C SER A 85 15.50 -29.07 -25.10
N ASP A 86 14.28 -29.42 -24.70
CA ASP A 86 13.21 -29.67 -25.67
C ASP A 86 12.43 -28.42 -26.06
N GLY A 87 12.92 -27.24 -25.65
CA GLY A 87 12.32 -25.98 -26.06
C GLY A 87 11.27 -25.37 -25.11
N TYR A 88 11.10 -25.97 -23.93
CA TYR A 88 10.16 -25.45 -22.94
C TYR A 88 10.77 -24.38 -22.02
N SER A 89 10.04 -23.29 -21.80
CA SER A 89 10.31 -22.47 -20.63
C SER A 89 9.80 -23.32 -19.47
N CYS A 90 10.59 -23.40 -18.41
CA CYS A 90 10.33 -24.34 -17.32
CA CYS A 90 10.31 -24.34 -17.33
CA CYS A 90 10.32 -24.34 -17.34
C CYS A 90 9.78 -23.68 -16.06
N VAL A 91 8.53 -23.99 -15.72
CA VAL A 91 7.92 -23.52 -14.48
C VAL A 91 7.98 -24.60 -13.41
N THR A 92 8.74 -24.37 -12.35
CA THR A 92 8.76 -25.32 -11.24
C THR A 92 8.00 -24.79 -10.03
N LEU A 93 7.08 -25.61 -9.54
CA LEU A 93 6.24 -25.25 -8.39
C LEU A 93 6.76 -25.93 -7.10
N GLY A 94 7.00 -25.13 -6.06
CA GLY A 94 7.48 -25.67 -4.80
C GLY A 94 6.39 -25.82 -3.74
N GLY A 95 6.73 -26.41 -2.59
CA GLY A 95 8.08 -26.83 -2.27
C GLY A 95 8.94 -25.71 -1.72
N ASP A 96 9.90 -26.05 -0.87
CA ASP A 96 10.78 -25.07 -0.26
C ASP A 96 11.88 -24.67 -1.23
N HIS A 97 12.58 -23.57 -0.93
CA HIS A 97 13.48 -22.95 -1.89
C HIS A 97 14.78 -23.71 -2.15
N SER A 98 15.00 -24.84 -1.46
CA SER A 98 16.21 -25.60 -1.71
C SER A 98 16.17 -26.24 -3.12
N LEU A 99 14.98 -26.27 -3.72
CA LEU A 99 14.84 -26.88 -5.03
C LEU A 99 15.40 -26.01 -6.17
N ALA A 100 15.72 -24.75 -5.85
CA ALA A 100 16.38 -23.89 -6.81
C ALA A 100 17.80 -24.41 -7.10
N ILE A 101 18.36 -25.20 -6.20
CA ILE A 101 19.65 -25.84 -6.46
C ILE A 101 19.50 -26.70 -7.71
N GLY A 102 18.45 -27.51 -7.73
CA GLY A 102 18.14 -28.36 -8.86
C GLY A 102 17.62 -27.66 -10.11
N THR A 103 16.72 -26.69 -9.97
CA THR A 103 16.19 -26.02 -11.15
C THR A 103 17.23 -25.13 -11.82
N ILE A 104 18.00 -24.40 -11.03
CA ILE A 104 19.05 -23.58 -11.61
C ILE A 104 20.18 -24.43 -12.20
N SER A 105 20.61 -25.48 -11.49
CA SER A 105 21.60 -26.39 -12.04
C SER A 105 21.14 -27.00 -13.36
N GLY A 106 19.88 -27.42 -13.42
CA GLY A 106 19.34 -28.07 -14.59
C GLY A 106 19.19 -27.11 -15.77
N HIS A 107 18.73 -25.91 -15.47
CA HIS A 107 18.60 -24.84 -16.44
C HIS A 107 19.98 -24.50 -16.99
N ALA A 108 20.97 -24.37 -16.12
CA ALA A 108 22.32 -24.01 -16.57
C ALA A 108 22.95 -25.11 -17.44
N ARG A 109 22.60 -26.36 -17.17
CA ARG A 109 23.08 -27.49 -17.95
C ARG A 109 22.79 -27.30 -19.46
N HIS A 110 21.71 -26.60 -19.79
CA HIS A 110 21.40 -26.35 -21.20
C HIS A 110 21.65 -24.90 -21.63
N CYS A 111 21.54 -23.96 -20.69
CA CYS A 111 21.73 -22.55 -20.97
C CYS A 111 22.77 -21.95 -20.01
N PRO A 112 24.05 -22.24 -20.25
CA PRO A 112 25.11 -21.85 -19.31
C PRO A 112 25.32 -20.34 -19.11
N ASP A 113 24.82 -19.49 -20.01
CA ASP A 113 24.99 -18.04 -19.83
C ASP A 113 23.78 -17.39 -19.15
N LEU A 114 22.91 -18.21 -18.55
CA LEU A 114 21.75 -17.70 -17.83
C LEU A 114 22.12 -16.68 -16.75
N CYS A 115 21.17 -15.80 -16.43
CA CYS A 115 21.32 -14.92 -15.29
C CYS A 115 20.11 -15.17 -14.39
N VAL A 116 20.18 -14.70 -13.15
CA VAL A 116 19.16 -15.04 -12.15
C VAL A 116 18.58 -13.79 -11.48
N VAL A 117 17.26 -13.69 -11.49
CA VAL A 117 16.55 -12.71 -10.69
C VAL A 117 15.89 -13.43 -9.52
N TRP A 118 16.33 -13.07 -8.31
CA TRP A 118 15.95 -13.77 -7.09
C TRP A 118 15.04 -12.86 -6.26
N VAL A 119 13.74 -13.13 -6.29
CA VAL A 119 12.78 -12.27 -5.60
C VAL A 119 12.36 -12.92 -4.29
N ASP A 120 12.68 -12.26 -3.18
CA ASP A 120 12.68 -12.93 -1.90
C ASP A 120 12.84 -11.90 -0.77
N ALA A 121 12.24 -12.20 0.38
CA ALA A 121 12.50 -11.42 1.59
C ALA A 121 13.92 -11.74 2.10
N HIS A 122 14.43 -12.90 1.70
CA HIS A 122 15.72 -13.40 2.19
C HIS A 122 16.75 -13.58 1.07
N ALA A 123 18.02 -13.57 1.46
CA ALA A 123 19.11 -13.76 0.50
C ALA A 123 19.42 -15.22 0.20
N ASP A 124 19.09 -16.14 1.10
CA ASP A 124 19.25 -17.57 0.83
C ASP A 124 20.70 -17.96 0.43
N ILE A 125 21.66 -17.22 0.96
CA ILE A 125 23.06 -17.35 0.54
C ILE A 125 23.98 -17.77 1.69
N ASN A 126 23.40 -18.16 2.82
CA ASN A 126 24.19 -18.81 3.86
C ASN A 126 24.92 -20.01 3.30
N THR A 127 26.11 -20.29 3.83
CA THR A 127 26.79 -21.54 3.51
C THR A 127 26.60 -22.51 4.67
N PRO A 128 27.02 -23.78 4.47
CA PRO A 128 27.03 -24.73 5.60
C PRO A 128 27.83 -24.25 6.82
N LEU A 129 28.74 -23.29 6.66
CA LEU A 129 29.52 -22.77 7.78
C LEU A 129 28.91 -21.53 8.41
N THR A 130 27.91 -20.94 7.79
CA THR A 130 27.33 -19.71 8.33
C THR A 130 25.88 -19.86 8.81
N THR A 131 25.17 -20.83 8.25
CA THR A 131 23.77 -21.03 8.61
C THR A 131 23.63 -21.22 10.12
N SER A 132 22.63 -20.57 10.69
CA SER A 132 22.37 -20.73 12.11
C SER A 132 21.16 -21.64 12.31
N SER A 133 20.51 -22.04 11.23
CA SER A 133 19.28 -22.83 11.30
C SER A 133 19.50 -24.27 10.84
N GLY A 134 20.49 -24.48 9.98
CA GLY A 134 20.73 -25.80 9.39
C GLY A 134 19.83 -26.11 8.22
N ASN A 135 18.96 -25.18 7.85
CA ASN A 135 17.96 -25.46 6.82
C ASN A 135 18.49 -25.11 5.44
N LEU A 136 18.49 -26.10 4.55
CA LEU A 136 19.09 -25.92 3.22
C LEU A 136 18.35 -24.90 2.34
N HIS A 137 17.06 -24.65 2.62
CA HIS A 137 16.32 -23.63 1.83
C HIS A 137 16.86 -22.23 2.05
N GLY A 138 17.73 -22.06 3.04
CA GLY A 138 18.30 -20.76 3.34
C GLY A 138 19.75 -20.70 2.88
N GLN A 139 20.19 -21.75 2.19
CA GLN A 139 21.53 -21.80 1.63
C GLN A 139 21.69 -22.00 0.12
N PRO A 140 20.56 -22.07 -0.65
CA PRO A 140 20.79 -22.63 -1.99
C PRO A 140 21.73 -21.82 -2.88
N VAL A 141 21.76 -20.50 -2.73
CA VAL A 141 22.59 -19.69 -3.61
C VAL A 141 24.07 -20.01 -3.39
N SER A 142 24.43 -20.42 -2.17
CA SER A 142 25.84 -20.67 -1.85
C SER A 142 26.44 -21.81 -2.67
N PHE A 143 25.61 -22.78 -3.04
CA PHE A 143 26.07 -23.92 -3.83
C PHE A 143 26.18 -23.60 -5.31
N LEU A 144 25.62 -22.45 -5.71
CA LEU A 144 25.48 -22.11 -7.11
C LEU A 144 26.52 -21.10 -7.58
N LEU A 145 26.99 -20.26 -6.65
CA LEU A 145 27.88 -19.16 -6.99
C LEU A 145 29.33 -19.59 -7.07
N ARG A 146 29.93 -19.44 -8.26
CA ARG A 146 31.34 -19.81 -8.50
C ARG A 146 32.29 -19.22 -7.48
N GLU A 147 32.16 -17.92 -7.22
CA GLU A 147 33.09 -17.20 -6.35
C GLU A 147 33.14 -17.71 -4.91
N LEU A 148 32.07 -18.37 -4.46
CA LEU A 148 31.96 -18.79 -3.07
C LEU A 148 32.52 -20.17 -2.79
N GLN A 149 32.99 -20.85 -3.82
CA GLN A 149 33.14 -22.30 -3.70
C GLN A 149 34.21 -22.84 -2.77
N ASP A 150 35.24 -22.05 -2.49
CA ASP A 150 36.29 -22.48 -1.58
C ASP A 150 35.91 -22.21 -0.12
N LYS A 151 34.73 -21.64 0.08
CA LYS A 151 34.18 -21.39 1.40
C LYS A 151 33.02 -22.34 1.67
N VAL A 152 32.66 -23.14 0.66
CA VAL A 152 31.55 -24.07 0.80
C VAL A 152 32.05 -25.51 0.88
N PRO A 153 31.89 -26.15 2.05
CA PRO A 153 32.36 -27.53 2.20
C PRO A 153 31.48 -28.47 1.36
N GLN A 154 32.00 -29.67 1.11
CA GLN A 154 31.26 -30.66 0.34
C GLN A 154 30.28 -31.42 1.24
N LEU A 155 29.00 -31.35 0.90
CA LEU A 155 27.96 -32.06 1.64
C LEU A 155 27.67 -33.42 1.02
N PRO A 156 27.36 -34.43 1.86
CA PRO A 156 26.96 -35.73 1.31
C PRO A 156 25.73 -35.58 0.42
N GLY A 157 25.80 -36.12 -0.79
CA GLY A 157 24.73 -36.02 -1.76
C GLY A 157 24.81 -34.79 -2.67
N PHE A 158 25.80 -33.92 -2.44
CA PHE A 158 25.95 -32.70 -3.24
C PHE A 158 27.07 -32.71 -4.30
N SER A 159 27.79 -33.82 -4.41
CA SER A 159 29.00 -33.82 -5.25
C SER A 159 28.73 -33.62 -6.75
N TRP A 160 27.53 -33.96 -7.21
CA TRP A 160 27.16 -33.76 -8.62
C TRP A 160 27.05 -32.28 -9.02
N ILE A 161 27.00 -31.40 -8.02
CA ILE A 161 26.77 -29.97 -8.28
C ILE A 161 27.98 -29.21 -8.82
N LYS A 162 27.81 -28.59 -9.99
CA LYS A 162 28.81 -27.69 -10.56
C LYS A 162 28.28 -26.27 -10.46
N PRO A 163 28.87 -25.48 -9.56
CA PRO A 163 28.55 -24.04 -9.39
C PRO A 163 28.61 -23.34 -10.74
N CYS A 164 27.51 -22.69 -11.12
CA CYS A 164 27.26 -22.34 -12.52
C CYS A 164 26.96 -20.87 -12.77
N ILE A 165 26.94 -20.08 -11.70
CA ILE A 165 26.58 -18.67 -11.81
C ILE A 165 27.68 -17.82 -11.19
N SER A 166 28.12 -16.80 -11.91
CA SER A 166 29.04 -15.85 -11.29
C SER A 166 28.23 -14.88 -10.44
N SER A 167 28.91 -14.26 -9.48
CA SER A 167 28.25 -13.40 -8.52
C SER A 167 27.64 -12.17 -9.21
N ALA A 168 28.09 -11.87 -10.43
CA ALA A 168 27.59 -10.71 -11.16
C ALA A 168 26.36 -11.06 -11.98
N SER A 169 25.97 -12.34 -11.95
CA SER A 169 24.85 -12.83 -12.74
C SER A 169 23.58 -13.11 -11.93
N ILE A 170 23.56 -12.68 -10.67
CA ILE A 170 22.34 -12.77 -9.87
C ILE A 170 22.00 -11.40 -9.29
N VAL A 171 20.72 -11.02 -9.36
CA VAL A 171 20.26 -9.80 -8.73
C VAL A 171 19.10 -10.16 -7.82
N TYR A 172 19.15 -9.66 -6.58
CA TYR A 172 18.07 -9.87 -5.62
C TYR A 172 17.11 -8.70 -5.59
N ILE A 173 15.82 -9.00 -5.45
CA ILE A 173 14.82 -7.96 -5.24
C ILE A 173 13.91 -8.35 -4.08
N GLY A 174 13.79 -7.46 -3.10
CA GLY A 174 12.83 -7.61 -2.01
C GLY A 174 13.42 -7.85 -0.62
N LEU A 175 14.75 -7.78 -0.51
CA LEU A 175 15.43 -8.22 0.71
C LEU A 175 15.03 -7.40 1.93
N ARG A 176 14.78 -8.09 3.04
CA ARG A 176 14.48 -7.40 4.29
C ARG A 176 14.77 -8.23 5.53
N ASP A 177 15.20 -9.47 5.36
CA ASP A 177 15.62 -10.28 6.51
C ASP A 177 16.90 -11.03 6.15
N VAL A 178 18.03 -10.41 6.43
CA VAL A 178 19.34 -10.92 6.00
C VAL A 178 20.21 -11.17 7.21
N ASP A 179 20.76 -12.38 7.33
CA ASP A 179 21.63 -12.69 8.46
C ASP A 179 22.96 -11.94 8.25
N PRO A 180 23.63 -11.56 9.36
CA PRO A 180 24.94 -10.88 9.28
C PRO A 180 25.98 -11.55 8.37
N PRO A 181 26.20 -12.88 8.48
CA PRO A 181 27.15 -13.43 7.51
C PRO A 181 26.67 -13.35 6.04
N GLU A 182 25.35 -13.35 5.80
CA GLU A 182 24.86 -13.18 4.43
C GLU A 182 25.18 -11.76 3.95
N HIS A 183 24.97 -10.78 4.82
CA HIS A 183 25.31 -9.40 4.52
C HIS A 183 26.79 -9.28 4.15
N PHE A 184 27.66 -9.92 4.93
CA PHE A 184 29.08 -9.93 4.63
C PHE A 184 29.35 -10.51 3.22
N ILE A 185 28.70 -11.63 2.91
CA ILE A 185 28.88 -12.27 1.62
C ILE A 185 28.45 -11.34 0.48
N LEU A 186 27.30 -10.69 0.66
CA LEU A 186 26.76 -9.83 -0.39
C LEU A 186 27.70 -8.66 -0.70
N LYS A 187 28.26 -8.06 0.35
CA LYS A 187 29.21 -6.95 0.20
C LYS A 187 30.58 -7.40 -0.28
N ASN A 188 31.11 -8.48 0.29
CA ASN A 188 32.45 -8.96 -0.06
C ASN A 188 32.55 -9.41 -1.50
N TYR A 189 31.46 -9.95 -2.04
CA TYR A 189 31.47 -10.45 -3.41
C TYR A 189 30.79 -9.49 -4.38
N ASP A 190 30.46 -8.30 -3.89
CA ASP A 190 29.84 -7.25 -4.70
C ASP A 190 28.60 -7.79 -5.45
N ILE A 191 27.77 -8.53 -4.73
CA ILE A 191 26.51 -9.03 -5.28
C ILE A 191 25.45 -7.95 -5.16
N GLN A 192 24.77 -7.67 -6.27
CA GLN A 192 23.80 -6.57 -6.32
C GLN A 192 22.42 -6.97 -5.79
N TYR A 193 21.82 -6.09 -5.02
CA TYR A 193 20.48 -6.34 -4.53
C TYR A 193 19.70 -5.07 -4.37
N PHE A 194 18.40 -5.18 -4.55
CA PHE A 194 17.49 -4.11 -4.22
C PHE A 194 16.61 -4.53 -3.05
N SER A 195 16.97 -4.05 -1.86
CA SER A 195 16.21 -4.32 -0.65
C SER A 195 14.90 -3.54 -0.68
N MET A 196 14.00 -3.84 0.25
CA MET A 196 12.76 -3.08 0.37
C MET A 196 13.04 -1.58 0.52
N ARG A 197 14.11 -1.26 1.24
CA ARG A 197 14.57 0.13 1.37
C ARG A 197 14.89 0.76 0.01
N ASP A 198 15.61 0.04 -0.85
CA ASP A 198 15.92 0.53 -2.20
C ASP A 198 14.67 0.73 -3.02
N ILE A 199 13.72 -0.20 -2.89
CA ILE A 199 12.45 -0.08 -3.59
C ILE A 199 11.69 1.17 -3.10
N ASP A 200 11.71 1.39 -1.77
CA ASP A 200 11.13 2.59 -1.17
C ASP A 200 11.69 3.89 -1.76
N ARG A 201 12.98 3.86 -2.11
CA ARG A 201 13.67 5.04 -2.61
C ARG A 201 13.52 5.22 -4.12
N LEU A 202 13.77 4.14 -4.86
CA LEU A 202 13.80 4.20 -6.32
C LEU A 202 12.43 4.01 -6.96
N GLY A 203 11.57 3.24 -6.30
CA GLY A 203 10.36 2.79 -6.96
C GLY A 203 10.66 1.57 -7.80
N ILE A 204 9.65 0.72 -7.95
CA ILE A 204 9.84 -0.58 -8.59
C ILE A 204 10.19 -0.48 -10.09
N GLN A 205 9.77 0.60 -10.77
CA GLN A 205 10.15 0.77 -12.19
C GLN A 205 11.66 0.91 -12.34
N LYS A 206 12.24 1.85 -11.61
CA LYS A 206 13.69 2.04 -11.66
C LYS A 206 14.44 0.80 -11.17
N VAL A 207 13.86 0.08 -10.22
CA VAL A 207 14.49 -1.14 -9.72
C VAL A 207 14.64 -2.18 -10.83
N MET A 208 13.59 -2.37 -11.63
CA MET A 208 13.62 -3.31 -12.74
C MET A 208 14.59 -2.85 -13.84
N GLU A 209 14.58 -1.56 -14.13
CA GLU A 209 15.46 -1.00 -15.15
C GLU A 209 16.91 -1.30 -14.81
N ARG A 210 17.27 -1.06 -13.56
CA ARG A 210 18.63 -1.23 -13.12
C ARG A 210 19.01 -2.70 -13.04
N THR A 211 18.05 -3.54 -12.67
CA THR A 211 18.26 -4.97 -12.62
C THR A 211 18.63 -5.54 -14.00
N PHE A 212 17.87 -5.14 -15.01
CA PHE A 212 18.16 -5.57 -16.37
C PHE A 212 19.43 -4.95 -16.95
N ASP A 213 19.76 -3.72 -16.56
CA ASP A 213 21.01 -3.14 -17.01
CA ASP A 213 21.01 -3.10 -16.97
C ASP A 213 22.18 -3.98 -16.51
N LEU A 214 22.15 -4.38 -15.25
CA LEU A 214 23.16 -5.23 -14.64
C LEU A 214 23.29 -6.61 -15.29
N LEU A 215 22.16 -7.21 -15.67
CA LEU A 215 22.17 -8.60 -16.11
C LEU A 215 22.26 -8.72 -17.62
N ILE A 216 21.46 -7.94 -18.34
CA ILE A 216 21.37 -8.06 -19.79
C ILE A 216 21.67 -6.74 -20.51
N GLY A 217 22.34 -5.82 -19.80
CA GLY A 217 22.69 -4.54 -20.38
C GLY A 217 23.70 -4.65 -21.52
N LYS A 218 24.60 -5.63 -21.43
CA LYS A 218 25.64 -5.82 -22.45
C LYS A 218 25.22 -6.83 -23.53
N ARG A 219 24.44 -7.83 -23.16
CA ARG A 219 24.02 -8.84 -24.12
C ARG A 219 22.74 -9.54 -23.67
N GLN A 220 22.02 -10.10 -24.62
CA GLN A 220 20.85 -10.93 -24.34
C GLN A 220 21.26 -12.21 -23.61
N ARG A 221 20.56 -12.54 -22.52
CA ARG A 221 20.79 -13.78 -21.77
C ARG A 221 19.47 -14.39 -21.31
N PRO A 222 19.40 -15.72 -21.27
CA PRO A 222 18.18 -16.33 -20.76
C PRO A 222 18.03 -16.04 -19.26
N ILE A 223 16.80 -15.80 -18.84
CA ILE A 223 16.56 -15.38 -17.47
C ILE A 223 15.89 -16.48 -16.67
N HIS A 224 16.45 -16.74 -15.50
CA HIS A 224 15.83 -17.61 -14.51
C HIS A 224 15.25 -16.72 -13.40
N LEU A 225 13.93 -16.76 -13.23
CA LEU A 225 13.24 -16.01 -12.18
C LEU A 225 12.98 -16.95 -11.02
N SER A 226 13.65 -16.74 -9.91
CA SER A 226 13.38 -17.57 -8.74
C SER A 226 12.59 -16.75 -7.74
N PHE A 227 11.30 -17.09 -7.60
CA PHE A 227 10.38 -16.24 -6.86
C PHE A 227 9.89 -16.93 -5.59
N ASP A 228 10.32 -16.40 -4.45
CA ASP A 228 9.86 -16.87 -3.15
C ASP A 228 8.61 -16.07 -2.78
N ILE A 229 7.49 -16.77 -2.59
CA ILE A 229 6.23 -16.10 -2.29
C ILE A 229 6.35 -15.18 -1.06
N ASP A 230 7.23 -15.49 -0.12
CA ASP A 230 7.44 -14.63 1.05
C ASP A 230 8.06 -13.26 0.71
N ALA A 231 8.34 -13.00 -0.57
CA ALA A 231 8.75 -11.65 -0.96
C ALA A 231 7.60 -10.67 -0.74
N PHE A 232 6.37 -11.12 -1.02
CA PHE A 232 5.16 -10.35 -0.75
C PHE A 232 4.94 -10.16 0.76
N ASP A 233 4.34 -9.03 1.12
CA ASP A 233 3.93 -8.77 2.49
C ASP A 233 3.09 -9.93 3.04
N PRO A 234 3.31 -10.30 4.30
CA PRO A 234 2.50 -11.34 4.98
C PRO A 234 0.98 -11.13 4.86
N THR A 235 0.51 -9.89 4.81
CA THR A 235 -0.92 -9.65 4.58
C THR A 235 -1.44 -10.23 3.24
N LEU A 236 -0.59 -10.26 2.23
CA LEU A 236 -0.94 -10.77 0.91
C LEU A 236 -0.61 -12.25 0.74
N ALA A 237 0.50 -12.69 1.32
CA ALA A 237 0.87 -14.10 1.24
C ALA A 237 1.14 -14.68 2.61
N PRO A 238 0.07 -14.93 3.39
CA PRO A 238 0.25 -15.45 4.76
C PRO A 238 0.70 -16.91 4.80
N ALA A 239 0.40 -17.68 3.76
CA ALA A 239 0.61 -19.12 3.82
C ALA A 239 2.03 -19.50 3.36
N THR A 240 3.00 -19.19 4.22
CA THR A 240 4.39 -19.45 3.91
C THR A 240 5.15 -19.56 5.23
N GLY A 241 6.30 -20.24 5.22
CA GLY A 241 6.99 -20.61 6.43
C GLY A 241 7.78 -19.54 7.17
N THR A 242 8.29 -18.54 6.45
CA THR A 242 9.10 -17.51 7.09
CA THR A 242 9.11 -17.50 7.07
C THR A 242 8.67 -16.10 6.69
N PRO A 243 7.42 -15.71 7.04
CA PRO A 243 6.93 -14.39 6.65
C PRO A 243 7.69 -13.26 7.36
N VAL A 244 7.86 -12.13 6.68
CA VAL A 244 8.53 -10.96 7.24
C VAL A 244 7.76 -9.70 6.87
N VAL A 245 7.36 -8.91 7.86
CA VAL A 245 6.57 -7.69 7.61
C VAL A 245 7.27 -6.71 6.67
N GLY A 246 6.47 -5.95 5.93
CA GLY A 246 6.97 -4.86 5.10
C GLY A 246 7.49 -5.31 3.76
N GLY A 247 6.74 -6.18 3.07
CA GLY A 247 7.17 -6.73 1.81
C GLY A 247 6.58 -6.06 0.57
N LEU A 248 6.67 -6.76 -0.56
CA LEU A 248 6.14 -6.22 -1.81
C LEU A 248 4.63 -6.11 -1.74
N THR A 249 4.10 -5.04 -2.33
CA THR A 249 2.68 -4.93 -2.54
C THR A 249 2.33 -5.85 -3.72
N TYR A 250 1.04 -6.13 -3.86
CA TYR A 250 0.52 -6.87 -5.00
C TYR A 250 0.99 -6.24 -6.31
N ARG A 251 0.81 -4.93 -6.43
CA ARG A 251 1.18 -4.19 -7.64
C ARG A 251 2.67 -4.29 -7.96
N GLU A 252 3.50 -4.18 -6.92
CA GLU A 252 4.94 -4.32 -7.10
C GLU A 252 5.29 -5.72 -7.64
N GLY A 253 4.70 -6.77 -7.08
CA GLY A 253 4.93 -8.12 -7.56
C GLY A 253 4.54 -8.27 -9.04
N MET A 254 3.36 -7.76 -9.39
CA MET A 254 2.89 -7.82 -10.76
C MET A 254 3.83 -7.06 -11.69
N TYR A 255 4.31 -5.90 -11.23
CA TYR A 255 5.17 -5.11 -12.07
C TYR A 255 6.49 -5.85 -12.33
N ILE A 256 7.05 -6.49 -11.30
CA ILE A 256 8.25 -7.29 -11.48
C ILE A 256 8.01 -8.35 -12.56
N ALA A 257 6.92 -9.10 -12.41
CA ALA A 257 6.63 -10.18 -13.33
C ALA A 257 6.44 -9.67 -14.76
N GLU A 258 5.70 -8.57 -14.90
CA GLU A 258 5.48 -7.92 -16.22
C GLU A 258 6.78 -7.53 -16.91
N GLU A 259 7.71 -6.95 -16.15
CA GLU A 259 9.00 -6.56 -16.71
C GLU A 259 9.84 -7.79 -17.08
N ILE A 260 9.73 -8.84 -16.27
CA ILE A 260 10.33 -10.12 -16.62
C ILE A 260 9.80 -10.59 -17.98
N HIS A 261 8.48 -10.58 -18.14
CA HIS A 261 7.90 -10.94 -19.41
C HIS A 261 8.39 -10.05 -20.56
N ASN A 262 8.41 -8.75 -20.31
CA ASN A 262 8.77 -7.79 -21.36
C ASN A 262 10.19 -7.93 -21.92
N THR A 263 11.10 -8.58 -21.20
CA THR A 263 12.45 -8.76 -21.74
C THR A 263 12.44 -9.75 -22.90
N GLY A 264 11.41 -10.60 -22.95
CA GLY A 264 11.36 -11.68 -23.92
C GLY A 264 12.32 -12.85 -23.64
N LEU A 265 13.00 -12.80 -22.50
CA LEU A 265 14.09 -13.74 -22.19
C LEU A 265 13.81 -14.79 -21.10
N LEU A 266 12.62 -14.77 -20.51
CA LEU A 266 12.33 -15.71 -19.44
C LEU A 266 12.44 -17.16 -19.94
N SER A 267 13.28 -17.93 -19.29
CA SER A 267 13.53 -19.29 -19.73
C SER A 267 13.11 -20.31 -18.65
N ALA A 268 13.17 -19.90 -17.39
CA ALA A 268 12.68 -20.74 -16.30
C ALA A 268 12.19 -19.91 -15.14
N LEU A 269 11.23 -20.45 -14.39
CA LEU A 269 10.67 -19.77 -13.23
C LEU A 269 10.44 -20.74 -12.09
N ASP A 270 10.89 -20.37 -10.88
CA ASP A 270 10.51 -21.14 -9.69
C ASP A 270 9.49 -20.31 -8.92
N LEU A 271 8.42 -20.95 -8.47
CA LEU A 271 7.49 -20.31 -7.53
C LEU A 271 7.47 -21.16 -6.27
N VAL A 272 8.14 -20.69 -5.22
CA VAL A 272 8.41 -21.54 -4.08
C VAL A 272 7.84 -21.02 -2.76
N GLU A 273 7.78 -21.94 -1.80
CA GLU A 273 7.47 -21.66 -0.39
C GLU A 273 5.98 -21.40 -0.05
N VAL A 274 5.08 -21.72 -0.98
CA VAL A 274 3.65 -21.72 -0.65
C VAL A 274 3.35 -22.93 0.24
N ASN A 275 2.97 -22.67 1.50
CA ASN A 275 2.61 -23.73 2.45
C ASN A 275 1.18 -23.53 2.95
N PRO A 276 0.20 -24.20 2.33
CA PRO A 276 -1.23 -24.07 2.63
C PRO A 276 -1.59 -24.40 4.09
N GLN A 277 -0.84 -25.30 4.74
CA GLN A 277 -1.13 -25.66 6.14
C GLN A 277 -0.88 -24.52 7.12
N LEU A 278 -0.06 -23.55 6.73
CA LEU A 278 0.29 -22.47 7.64
C LEU A 278 -0.73 -21.35 7.54
N ALA A 279 -1.72 -21.54 6.69
CA ALA A 279 -2.80 -20.59 6.64
C ALA A 279 -3.68 -20.73 7.88
N THR A 280 -4.15 -19.59 8.39
CA THR A 280 -5.07 -19.52 9.53
C THR A 280 -6.47 -19.99 9.13
N SER A 281 -6.78 -19.88 7.84
CA SER A 281 -8.09 -20.20 7.33
C SER A 281 -7.95 -20.65 5.89
N GLU A 282 -9.00 -21.22 5.31
CA GLU A 282 -8.92 -21.64 3.92
C GLU A 282 -8.86 -20.44 2.98
N GLU A 283 -9.43 -19.33 3.41
CA GLU A 283 -9.34 -18.09 2.66
C GLU A 283 -7.87 -17.64 2.54
N GLU A 284 -7.14 -17.66 3.64
CA GLU A 284 -5.73 -17.27 3.60
C GLU A 284 -4.92 -18.21 2.70
N ALA A 285 -5.29 -19.49 2.66
CA ALA A 285 -4.57 -20.46 1.84
C ALA A 285 -4.85 -20.21 0.38
N LYS A 286 -6.10 -19.99 0.04
CA LYS A 286 -6.44 -19.77 -1.36
C LYS A 286 -5.89 -18.45 -1.91
N THR A 287 -5.89 -17.39 -1.11
CA THR A 287 -5.41 -16.10 -1.58
CA THR A 287 -5.40 -16.10 -1.60
C THR A 287 -3.90 -16.17 -1.85
N THR A 288 -3.18 -16.92 -1.02
CA THR A 288 -1.74 -17.11 -1.26
C THR A 288 -1.51 -17.87 -2.57
N ALA A 289 -2.29 -18.91 -2.82
CA ALA A 289 -2.12 -19.69 -4.02
C ALA A 289 -2.58 -18.90 -5.24
N ASN A 290 -3.60 -18.06 -5.07
CA ASN A 290 -4.10 -17.22 -6.14
C ASN A 290 -3.06 -16.19 -6.52
N LEU A 291 -2.35 -15.72 -5.51
CA LEU A 291 -1.28 -14.77 -5.71
C LEU A 291 -0.15 -15.44 -6.51
N ALA A 292 0.17 -16.69 -6.17
CA ALA A 292 1.20 -17.45 -6.88
C ALA A 292 0.86 -17.59 -8.37
N VAL A 293 -0.40 -17.88 -8.67
CA VAL A 293 -0.84 -18.03 -10.04
C VAL A 293 -0.72 -16.69 -10.77
N ASP A 294 -1.08 -15.60 -10.10
CA ASP A 294 -0.93 -14.26 -10.68
C ASP A 294 0.52 -13.93 -11.06
N VAL A 295 1.47 -14.29 -10.21
CA VAL A 295 2.89 -14.07 -10.51
C VAL A 295 3.33 -14.82 -11.77
N ILE A 296 2.95 -16.09 -11.83
CA ILE A 296 3.37 -16.93 -12.95
C ILE A 296 2.72 -16.47 -14.24
N ALA A 297 1.43 -16.18 -14.19
CA ALA A 297 0.70 -15.74 -15.38
C ALA A 297 1.25 -14.41 -15.88
N SER A 298 1.55 -13.50 -14.97
CA SER A 298 2.11 -12.21 -15.36
CA SER A 298 2.11 -12.21 -15.37
C SER A 298 3.50 -12.37 -15.98
N SER A 299 4.26 -13.33 -15.46
CA SER A 299 5.61 -13.60 -15.96
C SER A 299 5.59 -14.16 -17.40
N PHE A 300 4.45 -14.72 -17.79
CA PHE A 300 4.32 -15.28 -19.14
C PHE A 300 3.34 -14.49 -20.00
N GLY A 301 3.06 -13.25 -19.63
CA GLY A 301 2.37 -12.35 -20.55
C GLY A 301 1.06 -11.73 -20.12
N GLN A 302 0.48 -12.16 -19.01
CA GLN A 302 -0.74 -11.52 -18.55
C GLN A 302 -0.49 -10.05 -18.21
N THR A 303 -1.35 -9.17 -18.75
CA THR A 303 -1.22 -7.72 -18.52
C THR A 303 -2.40 -7.20 -17.71
N ARG A 304 -2.25 -5.99 -17.20
CA ARG A 304 -3.35 -5.33 -16.53
C ARG A 304 -4.09 -4.37 -17.48
N GLU A 305 -3.97 -4.56 -18.79
CA GLU A 305 -4.64 -3.62 -19.69
C GLU A 305 -5.24 -4.25 -20.94
N GLY A 306 -5.34 -5.58 -20.96
CA GLY A 306 -6.02 -6.26 -22.06
C GLY A 306 -5.18 -6.55 -23.28
N HIS B 1 -21.43 28.75 -4.53
CA HIS B 1 -21.16 27.36 -4.89
C HIS B 1 -22.29 26.43 -4.49
N SER B 2 -22.98 25.92 -5.50
CA SER B 2 -24.16 25.09 -5.30
C SER B 2 -23.96 23.70 -5.86
N VAL B 3 -24.47 22.71 -5.13
CA VAL B 3 -24.31 21.33 -5.51
C VAL B 3 -25.67 20.66 -5.49
N ALA B 4 -26.00 19.99 -6.60
CA ALA B 4 -27.21 19.19 -6.67
C ALA B 4 -26.82 17.76 -6.38
N VAL B 5 -27.58 17.08 -5.52
CA VAL B 5 -27.34 15.67 -5.27
C VAL B 5 -28.51 14.87 -5.80
N ILE B 6 -28.22 13.92 -6.66
CA ILE B 6 -29.27 13.16 -7.33
C ILE B 6 -29.05 11.69 -7.06
N GLY B 7 -30.06 11.03 -6.49
CA GLY B 7 -29.98 9.60 -6.29
C GLY B 7 -30.49 8.90 -7.53
N ALA B 8 -29.63 8.08 -8.15
CA ALA B 8 -30.03 7.32 -9.32
C ALA B 8 -29.93 5.83 -9.03
N PRO B 9 -30.99 5.25 -8.45
CA PRO B 9 -30.84 3.86 -8.03
C PRO B 9 -31.01 2.84 -9.16
N PHE B 10 -30.05 2.83 -10.08
N PHE B 10 -30.10 2.80 -10.11
CA PHE B 10 -29.98 1.88 -11.23
CA PHE B 10 -30.29 1.82 -11.16
C PHE B 10 -29.49 0.51 -10.78
C PHE B 10 -29.46 0.56 -10.99
N SER B 11 -30.10 -0.56 -11.31
CA SER B 11 -29.53 -1.89 -11.15
C SER B 11 -29.59 -2.66 -12.48
N GLN B 12 -30.41 -2.17 -13.41
CA GLN B 12 -30.69 -2.93 -14.62
C GLN B 12 -29.56 -2.88 -15.67
N GLY B 13 -28.52 -2.10 -15.38
CA GLY B 13 -27.31 -2.13 -16.18
C GLY B 13 -26.44 -3.35 -15.90
N GLN B 14 -26.84 -4.16 -14.93
CA GLN B 14 -26.11 -5.40 -14.66
C GLN B 14 -27.05 -6.39 -14.02
N LYS B 15 -26.53 -7.50 -13.50
CA LYS B 15 -27.37 -8.62 -13.05
C LYS B 15 -27.39 -8.89 -11.53
N ARG B 16 -26.55 -8.21 -10.76
CA ARG B 16 -26.47 -8.48 -9.32
C ARG B 16 -27.37 -7.52 -8.54
N LYS B 17 -28.20 -8.09 -7.67
CA LYS B 17 -29.16 -7.33 -6.86
C LYS B 17 -28.46 -6.47 -5.83
N GLY B 18 -28.98 -5.26 -5.59
CA GLY B 18 -28.55 -4.50 -4.44
C GLY B 18 -27.89 -3.16 -4.71
N VAL B 19 -27.36 -2.99 -5.91
CA VAL B 19 -26.69 -1.73 -6.24
C VAL B 19 -27.67 -0.56 -6.20
N GLU B 20 -28.96 -0.84 -6.37
CA GLU B 20 -29.99 0.18 -6.22
C GLU B 20 -30.04 0.82 -4.82
N HIS B 21 -29.46 0.15 -3.81
CA HIS B 21 -29.38 0.73 -2.46
C HIS B 21 -28.13 1.55 -2.20
N GLY B 22 -27.25 1.63 -3.21
CA GLY B 22 -26.08 2.49 -3.16
C GLY B 22 -26.33 3.93 -2.70
N PRO B 23 -27.30 4.62 -3.32
CA PRO B 23 -27.51 6.03 -2.93
C PRO B 23 -27.88 6.19 -1.46
N ALA B 24 -28.80 5.36 -0.98
CA ALA B 24 -29.18 5.40 0.43
C ALA B 24 -27.96 5.14 1.33
N ALA B 25 -27.13 4.15 0.98
CA ALA B 25 -25.95 3.84 1.80
C ALA B 25 -24.98 5.04 1.87
N ILE B 26 -24.83 5.72 0.76
CA ILE B 26 -23.93 6.85 0.71
C ILE B 26 -24.50 8.02 1.52
N ARG B 27 -25.81 8.25 1.42
CA ARG B 27 -26.42 9.28 2.26
C ARG B 27 -26.24 8.97 3.75
N GLU B 28 -26.51 7.72 4.14
CA GLU B 28 -26.41 7.30 5.54
C GLU B 28 -25.00 7.47 6.07
N ALA B 29 -24.00 7.42 5.19
CA ALA B 29 -22.63 7.62 5.62
C ALA B 29 -22.24 9.10 5.83
N GLY B 30 -23.24 9.99 5.77
CA GLY B 30 -23.02 11.39 6.12
C GLY B 30 -22.67 12.35 4.98
N LEU B 31 -22.99 11.99 3.74
CA LEU B 31 -22.66 12.84 2.59
C LEU B 31 -23.12 14.29 2.72
N MET B 32 -24.41 14.49 3.00
CA MET B 32 -24.96 15.85 2.97
C MET B 32 -24.26 16.79 3.95
N LYS B 33 -24.04 16.34 5.19
CA LYS B 33 -23.33 17.16 6.18
C LYS B 33 -21.90 17.47 5.77
N ARG B 34 -21.22 16.46 5.25
CA ARG B 34 -19.87 16.64 4.73
C ARG B 34 -19.82 17.75 3.67
N LEU B 35 -20.76 17.76 2.73
CA LEU B 35 -20.74 18.76 1.66
C LEU B 35 -21.08 20.15 2.23
N SER B 36 -22.08 20.19 3.11
CA SER B 36 -22.48 21.43 3.77
CA SER B 36 -22.48 21.43 3.76
C SER B 36 -21.31 22.09 4.48
N SER B 37 -20.57 21.29 5.26
CA SER B 37 -19.40 21.76 6.03
C SER B 37 -18.32 22.41 5.19
N LEU B 38 -18.26 22.07 3.91
CA LEU B 38 -17.29 22.66 2.99
C LEU B 38 -17.81 23.96 2.44
N GLY B 39 -19.07 24.27 2.76
CA GLY B 39 -19.69 25.51 2.31
C GLY B 39 -20.51 25.36 1.04
N CYS B 40 -20.76 24.12 0.64
CA CYS B 40 -21.66 23.88 -0.48
C CYS B 40 -23.11 24.19 -0.11
N HIS B 41 -23.78 24.96 -0.97
CA HIS B 41 -25.24 25.08 -0.91
C HIS B 41 -25.83 23.89 -1.64
N LEU B 42 -26.77 23.22 -0.99
CA LEU B 42 -27.23 21.94 -1.47
C LEU B 42 -28.68 21.93 -1.92
N LYS B 43 -28.93 21.28 -3.05
CA LYS B 43 -30.28 20.87 -3.39
C LYS B 43 -30.30 19.36 -3.51
N ASP B 44 -31.10 18.73 -2.67
CA ASP B 44 -31.23 17.29 -2.74
C ASP B 44 -32.47 16.97 -3.58
N PHE B 45 -32.25 16.31 -4.72
CA PHE B 45 -33.36 15.91 -5.58
C PHE B 45 -34.00 14.61 -5.08
N GLY B 46 -33.41 14.01 -4.05
CA GLY B 46 -33.86 12.72 -3.54
C GLY B 46 -33.41 11.62 -4.49
N ASP B 47 -33.94 10.41 -4.27
CA ASP B 47 -33.73 9.28 -5.17
C ASP B 47 -34.81 9.28 -6.25
N LEU B 48 -34.40 9.37 -7.50
CA LEU B 48 -35.37 9.39 -8.60
C LEU B 48 -36.08 8.06 -8.70
N SER B 49 -37.31 8.09 -9.21
CA SER B 49 -38.03 6.88 -9.56
C SER B 49 -38.18 6.81 -11.07
N PHE B 50 -37.48 5.88 -11.69
CA PHE B 50 -37.46 5.80 -13.16
C PHE B 50 -38.63 4.99 -13.72
N THR B 51 -39.16 5.45 -14.84
CA THR B 51 -40.31 4.80 -15.46
C THR B 51 -39.93 3.45 -16.04
N PRO B 52 -40.59 2.38 -15.61
CA PRO B 52 -40.23 1.06 -16.15
C PRO B 52 -40.75 0.88 -17.57
N VAL B 53 -40.21 -0.10 -18.30
CA VAL B 53 -40.72 -0.45 -19.63
C VAL B 53 -41.20 -1.90 -19.61
N PRO B 54 -42.47 -2.13 -19.95
CA PRO B 54 -42.98 -3.50 -19.94
C PRO B 54 -42.35 -4.32 -21.04
N LYS B 55 -42.21 -5.63 -20.85
CA LYS B 55 -41.77 -6.53 -21.89
C LYS B 55 -40.43 -6.08 -22.46
N ASP B 56 -39.55 -5.61 -21.59
CA ASP B 56 -38.24 -5.15 -22.02
C ASP B 56 -37.33 -6.34 -22.33
N ASP B 57 -37.60 -7.01 -23.45
CA ASP B 57 -36.89 -8.22 -23.84
C ASP B 57 -35.43 -7.95 -24.23
N LEU B 58 -34.61 -8.99 -24.10
CA LEU B 58 -33.22 -8.98 -24.57
C LEU B 58 -33.11 -8.39 -25.97
N TYR B 59 -32.13 -7.53 -26.16
CA TYR B 59 -31.78 -7.11 -27.50
C TYR B 59 -30.75 -8.09 -28.05
N ASN B 60 -31.02 -8.61 -29.23
CA ASN B 60 -30.12 -9.53 -29.91
C ASN B 60 -29.80 -10.77 -29.05
N ASN B 61 -30.76 -11.20 -28.24
CA ASN B 61 -30.57 -12.32 -27.32
C ASN B 61 -29.33 -12.19 -26.43
N LEU B 62 -28.96 -10.96 -26.08
CA LEU B 62 -27.77 -10.73 -25.27
C LEU B 62 -27.84 -9.50 -24.34
N ILE B 63 -28.12 -8.32 -24.89
CA ILE B 63 -28.13 -7.08 -24.12
C ILE B 63 -29.36 -7.08 -23.22
N VAL B 64 -29.15 -7.00 -21.92
CA VAL B 64 -30.23 -7.09 -20.93
CA VAL B 64 -30.24 -7.09 -20.96
C VAL B 64 -30.85 -5.72 -20.62
N ASN B 65 -32.18 -5.71 -20.46
CA ASN B 65 -32.95 -4.49 -20.12
C ASN B 65 -32.59 -3.23 -20.94
N PRO B 66 -32.49 -3.35 -22.28
CA PRO B 66 -32.07 -2.16 -23.04
C PRO B 66 -33.05 -0.98 -22.95
N ARG B 67 -34.35 -1.23 -23.01
CA ARG B 67 -35.31 -0.14 -23.00
C ARG B 67 -35.36 0.57 -21.64
N SER B 68 -35.27 -0.22 -20.57
CA SER B 68 -35.34 0.34 -19.22
C SER B 68 -34.13 1.23 -18.95
N VAL B 69 -32.97 0.78 -19.42
CA VAL B 69 -31.74 1.52 -19.21
C VAL B 69 -31.76 2.79 -20.07
N GLY B 70 -32.30 2.65 -21.28
CA GLY B 70 -32.46 3.78 -22.17
C GLY B 70 -33.38 4.84 -21.61
N LEU B 71 -34.57 4.44 -21.18
CA LEU B 71 -35.56 5.38 -20.65
C LEU B 71 -35.10 6.05 -19.34
N ALA B 72 -34.56 5.25 -18.43
CA ALA B 72 -34.10 5.80 -17.15
C ALA B 72 -32.97 6.80 -17.38
N ASN B 73 -32.06 6.46 -18.30
CA ASN B 73 -31.03 7.42 -18.71
C ASN B 73 -31.58 8.69 -19.38
N GLN B 74 -32.63 8.54 -20.19
CA GLN B 74 -33.27 9.72 -20.80
C GLN B 74 -33.81 10.65 -19.70
N GLU B 75 -34.47 10.06 -18.71
CA GLU B 75 -35.02 10.84 -17.61
C GLU B 75 -33.93 11.45 -16.75
N LEU B 76 -32.87 10.68 -16.49
CA LEU B 76 -31.77 11.19 -15.68
C LEU B 76 -31.09 12.37 -16.40
N ALA B 77 -30.91 12.24 -17.70
CA ALA B 77 -30.28 13.30 -18.51
C ALA B 77 -31.02 14.64 -18.37
N GLU B 78 -32.34 14.57 -18.43
CA GLU B 78 -33.21 15.71 -18.23
C GLU B 78 -32.94 16.41 -16.90
N VAL B 79 -32.95 15.62 -15.82
CA VAL B 79 -32.70 16.19 -14.49
C VAL B 79 -31.31 16.82 -14.39
N VAL B 80 -30.31 16.14 -14.95
CA VAL B 80 -28.94 16.66 -14.89
C VAL B 80 -28.78 17.94 -15.72
N SER B 81 -29.30 17.93 -16.95
CA SER B 81 -29.27 19.09 -17.82
C SER B 81 -29.88 20.30 -17.10
N ARG B 82 -31.09 20.09 -16.56
CA ARG B 82 -31.80 21.14 -15.85
C ARG B 82 -30.99 21.66 -14.69
N ALA B 83 -30.40 20.77 -13.90
CA ALA B 83 -29.66 21.20 -12.71
C ALA B 83 -28.37 21.98 -13.04
N VAL B 84 -27.70 21.58 -14.12
CA VAL B 84 -26.52 22.32 -14.58
C VAL B 84 -26.92 23.70 -15.11
N SER B 85 -28.02 23.74 -15.84
CA SER B 85 -28.54 25.01 -16.35
C SER B 85 -28.92 25.97 -15.22
N ASP B 86 -29.32 25.43 -14.07
CA ASP B 86 -29.60 26.24 -12.88
C ASP B 86 -28.37 26.55 -12.05
N GLY B 87 -27.19 26.19 -12.56
CA GLY B 87 -25.94 26.56 -11.93
C GLY B 87 -25.40 25.61 -10.86
N TYR B 88 -25.98 24.42 -10.76
CA TYR B 88 -25.48 23.42 -9.80
C TYR B 88 -24.37 22.55 -10.40
N SER B 89 -23.29 22.33 -9.63
CA SER B 89 -22.44 21.18 -9.89
C SER B 89 -23.25 19.93 -9.52
N CYS B 90 -23.25 18.92 -10.37
CA CYS B 90 -24.15 17.77 -10.20
CA CYS B 90 -24.16 17.80 -10.21
C CYS B 90 -23.51 16.52 -9.66
N VAL B 91 -23.93 16.10 -8.46
CA VAL B 91 -23.48 14.84 -7.89
C VAL B 91 -24.55 13.76 -8.06
N THR B 92 -24.25 12.74 -8.86
CA THR B 92 -25.18 11.63 -9.00
C THR B 92 -24.68 10.38 -8.28
N LEU B 93 -25.56 9.79 -7.47
CA LEU B 93 -25.20 8.61 -6.72
C LEU B 93 -25.81 7.38 -7.38
N GLY B 94 -24.96 6.41 -7.69
CA GLY B 94 -25.44 5.15 -8.26
C GLY B 94 -25.65 4.10 -7.19
N GLY B 95 -26.21 2.95 -7.58
CA GLY B 95 -26.55 2.69 -8.98
C GLY B 95 -25.37 2.15 -9.77
N ASP B 96 -25.67 1.35 -10.79
CA ASP B 96 -24.64 0.80 -11.66
C ASP B 96 -24.19 1.85 -12.66
N HIS B 97 -23.05 1.62 -13.29
CA HIS B 97 -22.39 2.63 -14.11
C HIS B 97 -23.07 2.97 -15.46
N SER B 98 -24.13 2.25 -15.82
CA SER B 98 -24.85 2.56 -17.05
C SER B 98 -25.53 3.94 -16.97
N LEU B 99 -25.65 4.48 -15.75
CA LEU B 99 -26.31 5.76 -15.58
C LEU B 99 -25.43 6.92 -16.04
N ALA B 100 -24.16 6.64 -16.31
CA ALA B 100 -23.28 7.68 -16.84
C ALA B 100 -23.70 8.03 -18.25
N ILE B 101 -24.46 7.15 -18.89
CA ILE B 101 -25.03 7.47 -20.19
C ILE B 101 -25.94 8.67 -20.04
N GLY B 102 -26.80 8.63 -19.02
CA GLY B 102 -27.69 9.73 -18.70
C GLY B 102 -27.02 10.98 -18.15
N THR B 103 -26.12 10.82 -17.17
CA THR B 103 -25.49 12.01 -16.61
C THR B 103 -24.58 12.75 -17.61
N ILE B 104 -23.79 12.01 -18.39
CA ILE B 104 -22.91 12.66 -19.35
C ILE B 104 -23.71 13.28 -20.51
N SER B 105 -24.74 12.59 -20.99
CA SER B 105 -25.60 13.18 -22.03
C SER B 105 -26.29 14.46 -21.55
N GLY B 106 -26.88 14.42 -20.35
CA GLY B 106 -27.51 15.59 -19.76
C GLY B 106 -26.52 16.73 -19.56
N HIS B 107 -25.35 16.39 -19.05
CA HIS B 107 -24.25 17.34 -18.85
C HIS B 107 -23.80 17.98 -20.17
N ALA B 108 -23.64 17.17 -21.21
CA ALA B 108 -23.09 17.64 -22.48
C ALA B 108 -24.11 18.43 -23.30
N ARG B 109 -25.37 18.30 -22.92
CA ARG B 109 -26.47 18.92 -23.63
C ARG B 109 -26.22 20.40 -23.83
N HIS B 110 -25.82 21.10 -22.78
CA HIS B 110 -25.48 22.52 -22.90
C HIS B 110 -24.01 22.83 -22.57
N CYS B 111 -23.26 21.80 -22.20
CA CYS B 111 -21.81 21.95 -22.03
C CYS B 111 -21.11 21.00 -22.98
N PRO B 112 -21.27 21.21 -24.30
CA PRO B 112 -20.81 20.22 -25.29
C PRO B 112 -19.30 20.10 -25.37
N ASP B 113 -18.55 21.04 -24.79
CA ASP B 113 -17.09 20.91 -24.74
C ASP B 113 -16.59 20.30 -23.41
N LEU B 114 -17.47 19.61 -22.68
CA LEU B 114 -17.03 18.99 -21.42
C LEU B 114 -15.93 17.95 -21.67
N CYS B 115 -15.14 17.66 -20.64
CA CYS B 115 -14.21 16.54 -20.73
C CYS B 115 -14.53 15.56 -19.60
N VAL B 116 -14.04 14.33 -19.74
CA VAL B 116 -14.39 13.24 -18.83
C VAL B 116 -13.15 12.58 -18.23
N VAL B 117 -13.15 12.47 -16.91
CA VAL B 117 -12.18 11.65 -16.21
C VAL B 117 -12.94 10.44 -15.66
N TRP B 118 -12.57 9.27 -16.16
CA TRP B 118 -13.27 8.03 -15.88
C TRP B 118 -12.35 7.19 -15.00
N VAL B 119 -12.66 7.15 -13.70
CA VAL B 119 -11.83 6.44 -12.71
C VAL B 119 -12.47 5.09 -12.41
N ASP B 120 -11.78 4.00 -12.71
CA ASP B 120 -12.42 2.70 -12.84
C ASP B 120 -11.37 1.62 -13.03
N ALA B 121 -11.65 0.40 -12.53
CA ALA B 121 -10.86 -0.78 -12.87
C ALA B 121 -11.04 -1.19 -14.34
N HIS B 122 -12.18 -0.77 -14.91
CA HIS B 122 -12.64 -1.21 -16.24
C HIS B 122 -12.80 -0.03 -17.20
N ALA B 123 -12.79 -0.33 -18.50
CA ALA B 123 -12.87 0.73 -19.50
C ALA B 123 -14.32 1.09 -19.88
N ASP B 124 -15.25 0.15 -19.63
CA ASP B 124 -16.68 0.35 -19.83
C ASP B 124 -16.99 0.77 -21.27
N ILE B 125 -16.21 0.26 -22.20
CA ILE B 125 -16.27 0.75 -23.57
C ILE B 125 -16.58 -0.36 -24.58
N ASN B 126 -17.04 -1.51 -24.08
CA ASN B 126 -17.60 -2.49 -24.99
C ASN B 126 -18.77 -1.89 -25.73
N THR B 127 -18.98 -2.31 -26.97
CA THR B 127 -20.16 -1.90 -27.71
C THR B 127 -21.14 -3.04 -27.60
N PRO B 128 -22.37 -2.86 -28.11
CA PRO B 128 -23.27 -4.02 -28.18
C PRO B 128 -22.73 -5.17 -29.03
N LEU B 129 -21.72 -4.91 -29.85
CA LEU B 129 -21.19 -5.96 -30.71
C LEU B 129 -19.97 -6.65 -30.10
N THR B 130 -19.44 -6.10 -29.01
CA THR B 130 -18.24 -6.66 -28.39
C THR B 130 -18.45 -7.22 -26.99
N THR B 131 -19.52 -6.78 -26.32
CA THR B 131 -19.75 -7.21 -24.94
C THR B 131 -19.96 -8.73 -24.86
N SER B 132 -19.30 -9.38 -23.90
CA SER B 132 -19.51 -10.81 -23.71
C SER B 132 -20.48 -11.08 -22.55
N SER B 133 -20.94 -10.01 -21.90
CA SER B 133 -21.80 -10.13 -20.72
C SER B 133 -23.25 -9.72 -21.02
N GLY B 134 -23.42 -8.77 -21.94
CA GLY B 134 -24.74 -8.21 -22.21
C GLY B 134 -25.13 -7.11 -21.24
N ASN B 135 -24.25 -6.84 -20.29
CA ASN B 135 -24.53 -5.86 -19.23
C ASN B 135 -24.14 -4.45 -19.65
N LEU B 136 -25.13 -3.58 -19.72
CA LEU B 136 -24.93 -2.22 -20.21
C LEU B 136 -23.98 -1.36 -19.37
N HIS B 137 -23.75 -1.75 -18.11
CA HIS B 137 -22.81 -0.96 -17.27
C HIS B 137 -21.36 -1.15 -17.73
N GLY B 138 -21.14 -2.12 -18.62
CA GLY B 138 -19.82 -2.35 -19.18
C GLY B 138 -19.72 -1.78 -20.59
N GLN B 139 -20.76 -1.07 -21.00
CA GLN B 139 -20.79 -0.42 -22.30
C GLN B 139 -20.98 1.12 -22.36
N PRO B 140 -21.07 1.84 -21.22
CA PRO B 140 -21.62 3.21 -21.33
C PRO B 140 -20.83 4.15 -22.23
N VAL B 141 -19.51 4.04 -22.21
CA VAL B 141 -18.67 4.94 -22.99
C VAL B 141 -18.89 4.78 -24.50
N SER B 142 -19.25 3.59 -24.95
CA SER B 142 -19.43 3.37 -26.39
C SER B 142 -20.59 4.19 -27.01
N PHE B 143 -21.58 4.52 -26.19
CA PHE B 143 -22.73 5.30 -26.66
C PHE B 143 -22.44 6.79 -26.67
N LEU B 144 -21.36 7.17 -26.00
CA LEU B 144 -21.01 8.57 -25.81
C LEU B 144 -19.94 9.10 -26.76
N LEU B 145 -19.13 8.20 -27.33
CA LEU B 145 -17.98 8.62 -28.14
C LEU B 145 -18.34 8.74 -29.61
N ARG B 146 -18.20 9.93 -30.17
CA ARG B 146 -18.61 10.14 -31.55
C ARG B 146 -17.83 9.33 -32.59
N GLU B 147 -16.53 9.12 -32.37
CA GLU B 147 -15.73 8.32 -33.30
C GLU B 147 -16.20 6.87 -33.41
N LEU B 148 -17.04 6.42 -32.48
CA LEU B 148 -17.44 5.03 -32.43
C LEU B 148 -18.77 4.71 -33.09
N GLN B 149 -19.55 5.73 -33.42
CA GLN B 149 -20.96 5.55 -33.78
CA GLN B 149 -20.95 5.48 -33.75
C GLN B 149 -21.24 4.64 -34.99
N ASP B 150 -20.27 4.53 -35.89
CA ASP B 150 -20.43 3.64 -37.03
CA ASP B 150 -20.42 3.64 -37.03
C ASP B 150 -20.32 2.18 -36.58
N LYS B 151 -19.78 1.97 -35.39
CA LYS B 151 -19.60 0.62 -34.82
C LYS B 151 -20.64 0.29 -33.75
N VAL B 152 -21.48 1.25 -33.39
CA VAL B 152 -22.48 1.03 -32.35
C VAL B 152 -23.88 0.95 -32.94
N PRO B 153 -24.49 -0.25 -32.89
CA PRO B 153 -25.85 -0.40 -33.43
C PRO B 153 -26.89 0.32 -32.57
N GLN B 154 -28.09 0.46 -33.11
CA GLN B 154 -29.14 1.24 -32.49
C GLN B 154 -30.03 0.39 -31.57
N LEU B 155 -29.90 0.60 -30.27
CA LEU B 155 -30.67 -0.16 -29.28
C LEU B 155 -32.07 0.41 -29.09
N PRO B 156 -33.06 -0.46 -28.89
CA PRO B 156 -34.39 0.03 -28.52
C PRO B 156 -34.32 0.83 -27.23
N GLY B 157 -34.84 2.07 -27.29
CA GLY B 157 -34.84 2.95 -26.14
C GLY B 157 -33.63 3.89 -26.07
N PHE B 158 -32.74 3.77 -27.06
CA PHE B 158 -31.52 4.57 -27.10
C PHE B 158 -31.50 5.69 -28.15
N SER B 159 -32.58 5.86 -28.90
CA SER B 159 -32.52 6.75 -30.07
C SER B 159 -32.34 8.24 -29.73
N TRP B 160 -32.73 8.62 -28.52
CA TRP B 160 -32.58 10.00 -28.03
C TRP B 160 -31.12 10.41 -27.84
N ILE B 161 -30.23 9.41 -27.77
CA ILE B 161 -28.81 9.69 -27.49
C ILE B 161 -28.07 10.14 -28.73
N LYS B 162 -27.32 11.22 -28.60
CA LYS B 162 -26.41 11.62 -29.65
C LYS B 162 -25.01 11.80 -29.09
N PRO B 163 -24.10 10.92 -29.48
CA PRO B 163 -22.66 10.95 -29.19
C PRO B 163 -22.18 12.39 -29.08
N CYS B 164 -21.66 12.74 -27.91
CA CYS B 164 -21.49 14.13 -27.55
C CYS B 164 -20.04 14.52 -27.34
N ILE B 165 -19.17 13.53 -27.15
CA ILE B 165 -17.78 13.84 -26.94
C ILE B 165 -16.81 13.05 -27.81
N SER B 166 -15.65 13.64 -28.05
N SER B 166 -15.66 13.64 -28.07
CA SER B 166 -14.60 13.03 -28.83
CA SER B 166 -14.63 12.98 -28.85
C SER B 166 -13.73 12.13 -27.94
C SER B 166 -13.73 12.13 -27.96
N SER B 167 -13.09 11.14 -28.57
CA SER B 167 -12.25 10.21 -27.85
C SER B 167 -10.97 10.86 -27.30
N ALA B 168 -10.68 12.08 -27.74
CA ALA B 168 -9.57 12.84 -27.18
C ALA B 168 -10.02 13.54 -25.90
N SER B 169 -11.30 13.41 -25.56
CA SER B 169 -11.85 14.19 -24.46
C SER B 169 -12.21 13.36 -23.22
N ILE B 170 -11.72 12.13 -23.17
CA ILE B 170 -11.87 11.27 -22.01
C ILE B 170 -10.52 10.63 -21.66
N VAL B 171 -10.18 10.66 -20.38
CA VAL B 171 -8.97 9.97 -19.91
C VAL B 171 -9.41 9.00 -18.83
N TYR B 172 -8.89 7.78 -18.91
CA TYR B 172 -9.13 6.76 -17.91
C TYR B 172 -8.04 6.74 -16.87
N ILE B 173 -8.43 6.47 -15.62
CA ILE B 173 -7.46 6.23 -14.54
C ILE B 173 -7.86 5.02 -13.69
N GLY B 174 -6.94 4.06 -13.58
CA GLY B 174 -7.11 2.92 -12.70
C GLY B 174 -7.28 1.57 -13.37
N LEU B 175 -7.29 1.57 -14.71
CA LEU B 175 -7.61 0.36 -15.48
C LEU B 175 -6.77 -0.84 -15.09
N ARG B 176 -7.42 -2.00 -15.02
CA ARG B 176 -6.71 -3.24 -14.73
C ARG B 176 -7.46 -4.52 -15.18
N ASP B 177 -8.70 -4.36 -15.63
CA ASP B 177 -9.50 -5.50 -16.11
C ASP B 177 -10.17 -5.06 -17.42
N VAL B 178 -9.49 -5.29 -18.53
CA VAL B 178 -9.92 -4.80 -19.83
C VAL B 178 -10.13 -5.97 -20.79
N ASP B 179 -11.32 -6.03 -21.39
CA ASP B 179 -11.62 -7.07 -22.38
C ASP B 179 -10.79 -6.79 -23.63
N PRO B 180 -10.37 -7.86 -24.34
CA PRO B 180 -9.57 -7.65 -25.57
C PRO B 180 -10.23 -6.73 -26.61
N PRO B 181 -11.55 -6.85 -26.85
CA PRO B 181 -12.06 -5.85 -27.81
C PRO B 181 -11.99 -4.41 -27.29
N GLU B 182 -12.02 -4.20 -25.97
CA GLU B 182 -11.87 -2.84 -25.43
C GLU B 182 -10.45 -2.34 -25.59
N HIS B 183 -9.48 -3.23 -25.41
CA HIS B 183 -8.08 -2.87 -25.62
C HIS B 183 -7.91 -2.39 -27.07
N PHE B 184 -8.49 -3.15 -28.00
CA PHE B 184 -8.45 -2.79 -29.40
C PHE B 184 -9.01 -1.39 -29.60
N ILE B 185 -10.18 -1.13 -29.01
CA ILE B 185 -10.83 0.17 -29.15
C ILE B 185 -9.96 1.29 -28.61
N LEU B 186 -9.41 1.09 -27.42
CA LEU B 186 -8.60 2.14 -26.81
C LEU B 186 -7.38 2.47 -27.68
N LYS B 187 -6.74 1.44 -28.23
CA LYS B 187 -5.58 1.64 -29.09
C LYS B 187 -5.97 2.20 -30.44
N ASN B 188 -7.04 1.67 -31.02
CA ASN B 188 -7.43 2.04 -32.36
C ASN B 188 -7.89 3.48 -32.48
N TYR B 189 -8.54 3.99 -31.43
CA TYR B 189 -9.02 5.38 -31.46
C TYR B 189 -8.10 6.29 -30.64
N ASP B 190 -6.94 5.75 -30.25
CA ASP B 190 -5.95 6.51 -29.47
C ASP B 190 -6.51 7.17 -28.19
N ILE B 191 -7.38 6.43 -27.48
CA ILE B 191 -7.93 6.96 -26.25
C ILE B 191 -6.90 6.83 -25.13
N GLN B 192 -6.66 7.93 -24.43
CA GLN B 192 -5.62 8.00 -23.40
C GLN B 192 -6.08 7.39 -22.08
N TYR B 193 -5.23 6.58 -21.49
CA TYR B 193 -5.53 5.99 -20.20
C TYR B 193 -4.29 5.81 -19.35
N PHE B 194 -4.51 5.77 -18.05
CA PHE B 194 -3.45 5.43 -17.12
C PHE B 194 -3.89 4.22 -16.32
N SER B 195 -3.36 3.06 -16.70
CA SER B 195 -3.67 1.83 -16.00
C SER B 195 -2.98 1.82 -14.64
N MET B 196 -3.28 0.81 -13.83
CA MET B 196 -2.57 0.62 -12.55
C MET B 196 -1.06 0.54 -12.77
N ARG B 197 -0.65 -0.16 -13.83
CA ARG B 197 0.74 -0.20 -14.26
C ARG B 197 1.37 1.20 -14.49
N ASP B 198 0.67 2.08 -15.19
CA ASP B 198 1.15 3.45 -15.39
C ASP B 198 1.23 4.20 -14.09
N ILE B 199 0.28 3.93 -13.19
CA ILE B 199 0.36 4.56 -11.89
C ILE B 199 1.60 4.05 -11.14
N ASP B 200 1.81 2.74 -11.17
CA ASP B 200 3.01 2.14 -10.57
C ASP B 200 4.30 2.82 -11.07
N ARG B 201 4.35 3.09 -12.36
CA ARG B 201 5.51 3.73 -12.99
C ARG B 201 5.64 5.20 -12.67
N LEU B 202 4.57 5.96 -12.91
CA LEU B 202 4.62 7.41 -12.90
C LEU B 202 4.39 8.02 -11.51
N GLY B 203 3.55 7.35 -10.71
CA GLY B 203 3.04 7.96 -9.49
C GLY B 203 1.77 8.73 -9.78
N ILE B 204 0.87 8.77 -8.80
CA ILE B 204 -0.41 9.44 -9.00
C ILE B 204 -0.29 10.94 -9.29
N GLN B 205 0.75 11.60 -8.79
CA GLN B 205 0.93 13.04 -9.09
C GLN B 205 1.13 13.33 -10.58
N LYS B 206 2.07 12.63 -11.21
CA LYS B 206 2.31 12.81 -12.64
C LYS B 206 1.12 12.37 -13.47
N VAL B 207 0.43 11.33 -13.01
CA VAL B 207 -0.77 10.88 -13.71
C VAL B 207 -1.82 12.00 -13.83
N MET B 208 -2.01 12.76 -12.75
CA MET B 208 -3.01 13.83 -12.76
C MET B 208 -2.52 15.01 -13.60
N GLU B 209 -1.24 15.33 -13.48
CA GLU B 209 -0.62 16.36 -14.30
C GLU B 209 -0.84 16.07 -15.79
N ARG B 210 -0.57 14.82 -16.19
CA ARG B 210 -0.70 14.45 -17.60
C ARG B 210 -2.15 14.36 -18.02
N THR B 211 -3.03 13.98 -17.10
CA THR B 211 -4.46 13.93 -17.40
C THR B 211 -4.96 15.32 -17.74
N PHE B 212 -4.61 16.29 -16.92
CA PHE B 212 -5.10 17.64 -17.10
C PHE B 212 -4.48 18.32 -18.30
N ASP B 213 -3.18 18.09 -18.53
CA ASP B 213 -2.54 18.60 -19.73
CA ASP B 213 -2.53 18.59 -19.73
C ASP B 213 -3.27 18.10 -20.98
N LEU B 214 -3.64 16.82 -20.99
CA LEU B 214 -4.36 16.28 -22.14
C LEU B 214 -5.75 16.89 -22.34
N LEU B 215 -6.45 17.14 -21.25
CA LEU B 215 -7.85 17.56 -21.35
C LEU B 215 -8.03 19.08 -21.35
N ILE B 216 -7.32 19.76 -20.47
CA ILE B 216 -7.51 21.19 -20.30
C ILE B 216 -6.18 21.93 -20.42
N GLY B 217 -5.21 21.30 -21.06
CA GLY B 217 -3.89 21.91 -21.19
C GLY B 217 -3.93 23.20 -21.99
N LYS B 218 -4.87 23.31 -22.92
CA LYS B 218 -4.91 24.51 -23.75
C LYS B 218 -6.20 25.35 -23.63
N ARG B 219 -7.17 24.85 -22.87
CA ARG B 219 -8.40 25.60 -22.62
C ARG B 219 -9.16 25.05 -21.41
N GLN B 220 -9.85 25.94 -20.69
CA GLN B 220 -10.68 25.57 -19.57
C GLN B 220 -11.94 24.88 -20.08
N ARG B 221 -12.31 23.78 -19.44
CA ARG B 221 -13.47 22.98 -19.82
C ARG B 221 -14.12 22.45 -18.56
N PRO B 222 -15.46 22.38 -18.56
CA PRO B 222 -16.15 21.76 -17.42
C PRO B 222 -15.76 20.28 -17.34
N ILE B 223 -15.47 19.80 -16.14
CA ILE B 223 -14.98 18.44 -15.95
C ILE B 223 -16.13 17.54 -15.48
N HIS B 224 -16.27 16.40 -16.13
CA HIS B 224 -17.16 15.35 -15.63
C HIS B 224 -16.32 14.22 -15.02
N LEU B 225 -16.42 14.04 -13.70
CA LEU B 225 -15.72 12.96 -13.00
C LEU B 225 -16.66 11.77 -12.83
N SER B 226 -16.38 10.69 -13.57
CA SER B 226 -17.18 9.48 -13.43
C SER B 226 -16.36 8.46 -12.66
N PHE B 227 -16.73 8.28 -11.40
CA PHE B 227 -15.90 7.52 -10.47
C PHE B 227 -16.60 6.23 -10.07
N ASP B 228 -16.07 5.12 -10.55
CA ASP B 228 -16.57 3.79 -10.19
C ASP B 228 -15.81 3.37 -8.93
N ILE B 229 -16.55 3.08 -7.86
CA ILE B 229 -15.94 2.70 -6.59
C ILE B 229 -14.96 1.51 -6.77
N ASP B 230 -15.20 0.66 -7.77
CA ASP B 230 -14.30 -0.49 -7.97
C ASP B 230 -12.90 -0.11 -8.49
N ALA B 231 -12.65 1.19 -8.66
CA ALA B 231 -11.29 1.62 -8.95
C ALA B 231 -10.40 1.34 -7.74
N PHE B 232 -10.96 1.47 -6.55
CA PHE B 232 -10.22 1.19 -5.31
C PHE B 232 -9.99 -0.32 -5.17
N ASP B 233 -8.85 -0.67 -4.56
CA ASP B 233 -8.61 -2.06 -4.17
C ASP B 233 -9.79 -2.65 -3.39
N PRO B 234 -10.17 -3.89 -3.73
CA PRO B 234 -11.28 -4.58 -3.05
C PRO B 234 -11.13 -4.64 -1.53
N THR B 235 -9.91 -4.57 -0.98
CA THR B 235 -9.77 -4.47 0.46
C THR B 235 -10.34 -3.17 1.01
N LEU B 236 -10.39 -2.13 0.19
CA LEU B 236 -10.90 -0.82 0.63
C LEU B 236 -12.36 -0.65 0.26
N ALA B 237 -12.77 -1.22 -0.87
CA ALA B 237 -14.14 -1.06 -1.34
C ALA B 237 -14.73 -2.41 -1.72
N PRO B 238 -14.96 -3.28 -0.72
CA PRO B 238 -15.41 -4.63 -1.07
C PRO B 238 -16.85 -4.68 -1.55
N ALA B 239 -17.67 -3.71 -1.15
CA ALA B 239 -19.10 -3.79 -1.45
C ALA B 239 -19.37 -3.28 -2.85
N THR B 240 -19.04 -4.10 -3.84
CA THR B 240 -19.19 -3.72 -5.24
C THR B 240 -19.26 -4.98 -6.08
N GLY B 241 -19.91 -4.88 -7.24
CA GLY B 241 -20.23 -6.05 -8.05
C GLY B 241 -19.09 -6.72 -8.82
N THR B 242 -18.09 -5.95 -9.21
CA THR B 242 -17.01 -6.49 -10.02
C THR B 242 -15.64 -6.09 -9.45
N PRO B 243 -15.32 -6.60 -8.26
CA PRO B 243 -14.04 -6.22 -7.67
C PRO B 243 -12.89 -6.84 -8.43
N VAL B 244 -11.80 -6.08 -8.58
CA VAL B 244 -10.58 -6.57 -9.18
C VAL B 244 -9.38 -6.22 -8.30
N VAL B 245 -8.58 -7.23 -7.98
CA VAL B 245 -7.43 -7.06 -7.09
CA VAL B 245 -7.42 -7.06 -7.10
C VAL B 245 -6.39 -6.09 -7.69
N GLY B 246 -5.69 -5.35 -6.82
CA GLY B 246 -4.62 -4.46 -7.24
C GLY B 246 -5.09 -3.05 -7.59
N GLY B 247 -6.04 -2.51 -6.83
CA GLY B 247 -6.63 -1.20 -7.13
C GLY B 247 -5.89 0.01 -6.57
N LEU B 248 -6.51 1.19 -6.72
CA LEU B 248 -5.98 2.41 -6.10
C LEU B 248 -5.89 2.25 -4.58
N THR B 249 -4.89 2.84 -3.97
CA THR B 249 -4.89 2.97 -2.52
C THR B 249 -5.85 4.10 -2.10
N TYR B 250 -6.14 4.17 -0.80
CA TYR B 250 -6.96 5.24 -0.25
C TYR B 250 -6.35 6.59 -0.59
N ARG B 251 -5.06 6.73 -0.33
CA ARG B 251 -4.37 7.98 -0.59
C ARG B 251 -4.41 8.36 -2.09
N GLU B 252 -4.24 7.37 -2.97
CA GLU B 252 -4.31 7.63 -4.40
C GLU B 252 -5.69 8.20 -4.78
N GLY B 253 -6.76 7.57 -4.31
CA GLY B 253 -8.12 8.05 -4.56
C GLY B 253 -8.36 9.47 -4.07
N MET B 254 -7.86 9.79 -2.87
CA MET B 254 -7.99 11.15 -2.34
C MET B 254 -7.20 12.14 -3.20
N TYR B 255 -6.02 11.73 -3.63
CA TYR B 255 -5.17 12.63 -4.41
C TYR B 255 -5.85 12.98 -5.74
N ILE B 256 -6.40 11.97 -6.41
CA ILE B 256 -7.20 12.20 -7.61
C ILE B 256 -8.30 13.23 -7.35
N ALA B 257 -9.09 13.00 -6.31
CA ALA B 257 -10.20 13.89 -5.98
C ALA B 257 -9.71 15.30 -5.65
N GLU B 258 -8.60 15.38 -4.93
CA GLU B 258 -8.00 16.67 -4.60
C GLU B 258 -7.63 17.46 -5.85
N GLU B 259 -6.99 16.78 -6.82
CA GLU B 259 -6.56 17.43 -8.04
C GLU B 259 -7.75 17.82 -8.90
N ILE B 260 -8.79 16.99 -8.89
CA ILE B 260 -10.05 17.36 -9.52
C ILE B 260 -10.56 18.68 -8.93
N HIS B 261 -10.67 18.74 -7.61
CA HIS B 261 -11.07 19.98 -6.96
C HIS B 261 -10.18 21.17 -7.33
N ASN B 262 -8.87 20.95 -7.34
CA ASN B 262 -7.92 22.03 -7.54
C ASN B 262 -8.00 22.71 -8.91
N THR B 263 -8.55 22.02 -9.91
CA THR B 263 -8.71 22.59 -11.25
C THR B 263 -9.74 23.70 -11.24
N GLY B 264 -10.67 23.66 -10.29
CA GLY B 264 -11.78 24.60 -10.24
C GLY B 264 -12.86 24.32 -11.26
N LEU B 265 -12.72 23.25 -12.03
CA LEU B 265 -13.61 23.01 -13.17
C LEU B 265 -14.64 21.89 -13.01
N LEU B 266 -14.66 21.23 -11.87
CA LEU B 266 -15.59 20.11 -11.68
C LEU B 266 -17.03 20.59 -11.81
N SER B 267 -17.78 19.97 -12.70
CA SER B 267 -19.13 20.45 -13.01
C SER B 267 -20.15 19.34 -12.72
N ALA B 268 -19.69 18.09 -12.80
CA ALA B 268 -20.53 16.94 -12.44
C ALA B 268 -19.69 15.75 -11.98
N LEU B 269 -20.27 14.97 -11.08
CA LEU B 269 -19.58 13.82 -10.52
C LEU B 269 -20.55 12.64 -10.42
N ASP B 270 -20.15 11.47 -10.93
CA ASP B 270 -20.88 10.24 -10.69
C ASP B 270 -20.12 9.42 -9.65
N LEU B 271 -20.81 8.91 -8.65
CA LEU B 271 -20.21 7.93 -7.72
C LEU B 271 -21.04 6.65 -7.82
N VAL B 272 -20.54 5.67 -8.56
CA VAL B 272 -21.36 4.51 -8.89
C VAL B 272 -20.82 3.18 -8.37
N GLU B 273 -21.71 2.18 -8.39
CA GLU B 273 -21.39 0.76 -8.17
C GLU B 273 -21.20 0.34 -6.69
N VAL B 274 -21.49 1.25 -5.75
CA VAL B 274 -21.57 0.84 -4.35
C VAL B 274 -22.79 -0.08 -4.18
N ASN B 275 -22.54 -1.35 -3.84
CA ASN B 275 -23.62 -2.31 -3.62
C ASN B 275 -23.51 -2.91 -2.22
N PRO B 276 -24.21 -2.30 -1.25
CA PRO B 276 -24.15 -2.68 0.17
C PRO B 276 -24.47 -4.17 0.41
N GLN B 277 -25.35 -4.76 -0.38
CA GLN B 277 -25.70 -6.18 -0.23
C GLN B 277 -24.55 -7.17 -0.53
N LEU B 278 -23.52 -6.73 -1.24
CA LEU B 278 -22.43 -7.61 -1.61
C LEU B 278 -21.35 -7.69 -0.54
N ALA B 279 -21.47 -6.85 0.47
CA ALA B 279 -20.55 -6.89 1.59
C ALA B 279 -20.82 -8.13 2.43
N THR B 280 -19.78 -8.77 2.95
CA THR B 280 -19.96 -9.95 3.80
C THR B 280 -20.31 -9.56 5.24
N SER B 281 -20.15 -8.28 5.57
CA SER B 281 -20.52 -7.80 6.90
C SER B 281 -21.04 -6.37 6.81
N GLU B 282 -21.62 -5.90 7.91
CA GLU B 282 -22.08 -4.53 7.98
C GLU B 282 -20.90 -3.56 7.91
N GLU B 283 -19.80 -3.93 8.54
CA GLU B 283 -18.62 -3.09 8.54
C GLU B 283 -18.08 -2.93 7.12
N GLU B 284 -18.08 -4.00 6.34
CA GLU B 284 -17.63 -3.94 4.96
C GLU B 284 -18.48 -2.98 4.12
N ALA B 285 -19.79 -3.01 4.33
CA ALA B 285 -20.70 -2.12 3.60
C ALA B 285 -20.47 -0.66 4.00
N LYS B 286 -20.35 -0.40 5.30
CA LYS B 286 -20.16 0.95 5.76
C LYS B 286 -18.80 1.55 5.38
N THR B 287 -17.74 0.74 5.37
CA THR B 287 -16.43 1.26 4.99
CA THR B 287 -16.44 1.27 4.98
C THR B 287 -16.47 1.67 3.52
N THR B 288 -17.19 0.90 2.69
CA THR B 288 -17.32 1.20 1.26
C THR B 288 -18.08 2.52 1.08
N ALA B 289 -19.18 2.67 1.81
CA ALA B 289 -20.00 3.88 1.74
C ALA B 289 -19.21 5.09 2.26
N ASN B 290 -18.50 4.91 3.36
CA ASN B 290 -17.65 5.96 3.91
C ASN B 290 -16.59 6.41 2.92
N LEU B 291 -16.07 5.46 2.15
CA LEU B 291 -15.02 5.75 1.20
C LEU B 291 -15.63 6.59 0.08
N ALA B 292 -16.83 6.21 -0.34
CA ALA B 292 -17.56 6.96 -1.36
C ALA B 292 -17.75 8.43 -0.95
N VAL B 293 -18.10 8.66 0.31
CA VAL B 293 -18.28 10.02 0.84
C VAL B 293 -16.96 10.78 0.84
N ASP B 294 -15.88 10.12 1.26
CA ASP B 294 -14.55 10.72 1.20
C ASP B 294 -14.16 11.21 -0.21
N VAL B 295 -14.46 10.43 -1.24
CA VAL B 295 -14.16 10.80 -2.62
C VAL B 295 -14.93 12.07 -3.02
N ILE B 296 -16.24 12.05 -2.78
CA ILE B 296 -17.10 13.16 -3.14
C ILE B 296 -16.67 14.43 -2.42
N ALA B 297 -16.42 14.31 -1.12
CA ALA B 297 -16.03 15.46 -0.30
C ALA B 297 -14.69 16.05 -0.73
N SER B 298 -13.71 15.18 -0.98
CA SER B 298 -12.42 15.63 -1.47
CA SER B 298 -12.42 15.63 -1.48
C SER B 298 -12.57 16.29 -2.86
N SER B 299 -13.50 15.78 -3.66
CA SER B 299 -13.75 16.34 -4.99
C SER B 299 -14.33 17.74 -4.90
N PHE B 300 -14.92 18.08 -3.77
CA PHE B 300 -15.48 19.40 -3.59
C PHE B 300 -14.74 20.23 -2.57
N GLY B 301 -13.49 19.86 -2.30
CA GLY B 301 -12.61 20.73 -1.54
C GLY B 301 -12.15 20.27 -0.18
N GLN B 302 -12.61 19.12 0.30
CA GLN B 302 -12.08 18.64 1.57
C GLN B 302 -10.60 18.34 1.40
N THR B 303 -9.78 18.85 2.32
CA THR B 303 -8.34 18.67 2.22
C THR B 303 -7.81 17.80 3.36
N ARG B 304 -6.56 17.40 3.24
CA ARG B 304 -5.92 16.63 4.30
C ARG B 304 -5.00 17.52 5.13
N GLU B 305 -5.14 18.84 5.05
CA GLU B 305 -4.27 19.68 5.87
C GLU B 305 -4.97 20.84 6.55
N GLY B 306 -6.29 20.82 6.51
CA GLY B 306 -7.10 21.78 7.25
C GLY B 306 -7.33 23.13 6.57
N HIS C 1 27.86 4.20 22.95
CA HIS C 1 26.50 4.54 22.55
C HIS C 1 25.51 4.11 23.62
N SER C 2 25.02 5.10 24.38
CA SER C 2 24.18 4.84 25.53
C SER C 2 22.77 5.40 25.36
N VAL C 3 21.78 4.56 25.67
CA VAL C 3 20.38 4.93 25.51
C VAL C 3 19.69 4.80 26.85
N ALA C 4 19.00 5.85 27.28
CA ALA C 4 18.15 5.80 28.47
C ALA C 4 16.70 5.58 28.03
N VAL C 5 16.01 4.68 28.71
CA VAL C 5 14.61 4.42 28.40
C VAL C 5 13.77 4.85 29.57
N ILE C 6 12.80 5.72 29.30
CA ILE C 6 11.98 6.29 30.35
C ILE C 6 10.51 6.05 30.06
N GLY C 7 9.85 5.35 30.96
CA GLY C 7 8.42 5.15 30.85
C GLY C 7 7.69 6.35 31.42
N ALA C 8 6.83 6.98 30.62
CA ALA C 8 6.06 8.11 31.11
C ALA C 8 4.56 7.81 30.98
N PRO C 9 4.03 7.03 31.92
CA PRO C 9 2.63 6.57 31.85
C PRO C 9 1.62 7.67 32.10
N PHE C 10 1.55 8.64 31.20
CA PHE C 10 0.63 9.74 31.41
C PHE C 10 -0.59 9.63 30.52
N SER C 11 -1.74 10.03 31.06
CA SER C 11 -3.00 9.90 30.34
C SER C 11 -3.84 11.17 30.43
N GLN C 12 -3.44 12.08 31.30
CA GLN C 12 -4.26 13.24 31.60
C GLN C 12 -4.19 14.36 30.54
N GLY C 13 -3.35 14.17 29.54
CA GLY C 13 -3.34 15.06 28.39
C GLY C 13 -4.53 14.82 27.46
N GLN C 14 -5.36 13.84 27.79
CA GLN C 14 -6.55 13.55 27.00
C GLN C 14 -7.57 12.79 27.86
N LYS C 15 -8.69 12.38 27.28
CA LYS C 15 -9.80 11.82 28.06
C LYS C 15 -10.00 10.29 27.97
N ARG C 16 -9.22 9.60 27.15
CA ARG C 16 -9.45 8.17 26.98
C ARG C 16 -8.57 7.33 27.89
N LYS C 17 -9.19 6.41 28.62
CA LYS C 17 -8.46 5.57 29.56
C LYS C 17 -7.56 4.56 28.83
N GLY C 18 -6.36 4.34 29.35
CA GLY C 18 -5.57 3.22 28.88
C GLY C 18 -4.22 3.55 28.27
N VAL C 19 -4.05 4.77 27.78
CA VAL C 19 -2.79 5.16 27.18
C VAL C 19 -1.63 5.09 28.19
N GLU C 20 -1.96 5.16 29.48
CA GLU C 20 -0.94 5.02 30.53
C GLU C 20 -0.28 3.64 30.52
N HIS C 21 -0.93 2.66 29.90
CA HIS C 21 -0.34 1.33 29.77
C HIS C 21 0.52 1.15 28.51
N GLY C 22 0.65 2.20 27.72
CA GLY C 22 1.55 2.18 26.57
C GLY C 22 2.97 1.75 26.84
N PRO C 23 3.63 2.34 27.86
CA PRO C 23 5.02 1.92 28.10
C PRO C 23 5.20 0.45 28.41
N ALA C 24 4.29 -0.15 29.17
CA ALA C 24 4.41 -1.56 29.52
C ALA C 24 4.19 -2.43 28.28
N ALA C 25 3.19 -2.09 27.47
CA ALA C 25 2.94 -2.81 26.21
C ALA C 25 4.17 -2.83 25.31
N ILE C 26 4.82 -1.69 25.21
CA ILE C 26 5.99 -1.56 24.37
C ILE C 26 7.15 -2.38 24.94
N ARG C 27 7.34 -2.34 26.25
CA ARG C 27 8.38 -3.15 26.88
C ARG C 27 8.10 -4.63 26.65
N GLU C 28 6.83 -5.02 26.79
CA GLU C 28 6.43 -6.41 26.62
C GLU C 28 6.68 -6.90 25.20
N ALA C 29 6.59 -6.00 24.22
CA ALA C 29 6.88 -6.35 22.82
C ALA C 29 8.37 -6.48 22.54
N GLY C 30 9.19 -6.48 23.59
CA GLY C 30 10.60 -6.79 23.45
C GLY C 30 11.55 -5.63 23.21
N LEU C 31 11.16 -4.41 23.57
CA LEU C 31 11.98 -3.23 23.28
C LEU C 31 13.43 -3.35 23.75
N MET C 32 13.63 -3.73 25.01
CA MET C 32 14.97 -3.73 25.58
C MET C 32 15.92 -4.68 24.87
N LYS C 33 15.46 -5.90 24.56
CA LYS C 33 16.28 -6.86 23.84
CA LYS C 33 16.32 -6.84 23.84
C LYS C 33 16.68 -6.32 22.46
N ARG C 34 15.73 -5.70 21.79
CA ARG C 34 15.96 -5.13 20.46
C ARG C 34 17.04 -4.05 20.49
N LEU C 35 16.98 -3.17 21.49
CA LEU C 35 17.99 -2.12 21.60
C LEU C 35 19.35 -2.71 21.95
N SER C 36 19.39 -3.67 22.89
CA SER C 36 20.65 -4.35 23.25
CA SER C 36 20.63 -4.35 23.25
C SER C 36 21.31 -5.00 22.04
N SER C 37 20.51 -5.66 21.20
CA SER C 37 21.02 -6.35 20.02
C SER C 37 21.74 -5.42 19.06
N LEU C 38 21.35 -4.16 19.07
CA LEU C 38 21.98 -3.17 18.19
C LEU C 38 23.25 -2.61 18.79
N GLY C 39 23.59 -3.07 19.99
CA GLY C 39 24.79 -2.58 20.67
C GLY C 39 24.56 -1.39 21.59
N CYS C 40 23.30 -1.07 21.87
CA CYS C 40 22.96 -0.01 22.81
C CYS C 40 23.27 -0.42 24.23
N HIS C 41 23.98 0.43 24.95
CA HIS C 41 24.13 0.30 26.40
C HIS C 41 22.91 0.97 27.02
N LEU C 42 22.22 0.24 27.88
CA LEU C 42 20.92 0.67 28.35
C LEU C 42 20.86 1.03 29.82
N LYS C 43 20.22 2.16 30.10
CA LYS C 43 19.80 2.50 31.44
C LYS C 43 18.28 2.57 31.43
N ASP C 44 17.66 1.70 32.20
CA ASP C 44 16.22 1.71 32.31
C ASP C 44 15.79 2.47 33.57
N PHE C 45 15.05 3.56 33.38
CA PHE C 45 14.56 4.36 34.48
C PHE C 45 13.23 3.81 34.96
N GLY C 46 12.77 2.74 34.33
CA GLY C 46 11.46 2.18 34.63
C GLY C 46 10.35 3.15 34.28
N ASP C 47 9.16 2.92 34.83
CA ASP C 47 8.04 3.84 34.64
C ASP C 47 8.01 4.87 35.77
N LEU C 48 8.10 6.14 35.42
CA LEU C 48 8.04 7.18 36.41
C LEU C 48 6.66 7.21 37.04
N SER C 49 6.59 7.57 38.31
CA SER C 49 5.30 7.84 38.94
C SER C 49 5.25 9.33 39.19
N PHE C 50 4.28 9.99 38.56
CA PHE C 50 4.20 11.44 38.59
C PHE C 50 3.37 11.89 39.78
N THR C 51 3.77 13.01 40.37
CA THR C 51 3.11 13.56 41.53
C THR C 51 1.75 14.13 41.16
N PRO C 52 0.68 13.61 41.78
CA PRO C 52 -0.66 14.10 41.43
C PRO C 52 -0.93 15.49 42.01
N VAL C 53 -1.91 16.18 41.46
CA VAL C 53 -2.33 17.47 41.98
C VAL C 53 -3.80 17.39 42.39
N PRO C 54 -4.08 17.62 43.68
CA PRO C 54 -5.46 17.58 44.20
C PRO C 54 -6.32 18.69 43.60
N LYS C 55 -7.60 18.39 43.37
CA LYS C 55 -8.57 19.40 42.95
C LYS C 55 -8.10 20.11 41.66
N ASP C 56 -7.54 19.34 40.74
CA ASP C 56 -7.00 19.92 39.51
C ASP C 56 -8.15 20.28 38.57
N ASP C 57 -8.80 21.40 38.86
CA ASP C 57 -9.99 21.83 38.13
C ASP C 57 -9.68 22.34 36.72
N LEU C 58 -10.67 22.22 35.84
CA LEU C 58 -10.60 22.76 34.49
C LEU C 58 -10.10 24.18 34.50
N TYR C 59 -9.19 24.49 33.58
CA TYR C 59 -8.83 25.87 33.33
C TYR C 59 -9.79 26.45 32.32
N ASN C 60 -10.37 27.59 32.66
CA ASN C 60 -11.28 28.31 31.77
C ASN C 60 -12.46 27.45 31.29
N ASN C 61 -12.95 26.60 32.18
CA ASN C 61 -14.03 25.67 31.85
C ASN C 61 -13.79 24.87 30.56
N LEU C 62 -12.55 24.52 30.27
CA LEU C 62 -12.27 23.80 29.05
C LEU C 62 -11.06 22.87 29.13
N ILE C 63 -9.94 23.42 29.58
CA ILE C 63 -8.68 22.70 29.52
C ILE C 63 -8.61 21.72 30.68
N VAL C 64 -8.42 20.44 30.35
CA VAL C 64 -8.49 19.36 31.33
C VAL C 64 -7.16 19.11 32.03
N ASN C 65 -7.24 18.88 33.34
CA ASN C 65 -6.06 18.50 34.13
C ASN C 65 -4.79 19.36 33.94
N PRO C 66 -4.93 20.69 33.91
CA PRO C 66 -3.75 21.52 33.58
C PRO C 66 -2.58 21.38 34.56
N ARG C 67 -2.87 21.36 35.85
CA ARG C 67 -1.78 21.33 36.83
C ARG C 67 -1.11 19.97 36.82
N SER C 68 -1.90 18.93 36.60
CA SER C 68 -1.38 17.58 36.56
C SER C 68 -0.43 17.43 35.38
N VAL C 69 -0.82 17.97 34.23
CA VAL C 69 0.03 17.91 33.02
C VAL C 69 1.27 18.83 33.15
N GLY C 70 1.07 20.00 33.72
CA GLY C 70 2.18 20.92 33.96
C GLY C 70 3.22 20.31 34.89
N LEU C 71 2.76 19.68 35.97
CA LEU C 71 3.68 19.16 36.97
C LEU C 71 4.38 17.89 36.49
N ALA C 72 3.63 16.97 35.88
CA ALA C 72 4.22 15.74 35.36
C ALA C 72 5.31 16.08 34.34
N ASN C 73 5.02 17.05 33.48
CA ASN C 73 6.01 17.52 32.52
C ASN C 73 7.25 18.15 33.15
N GLN C 74 7.06 18.92 34.23
CA GLN C 74 8.20 19.53 34.90
C GLN C 74 9.12 18.44 35.45
N GLU C 75 8.50 17.42 36.03
CA GLU C 75 9.23 16.31 36.58
C GLU C 75 9.91 15.48 35.50
N LEU C 76 9.22 15.23 34.39
CA LEU C 76 9.80 14.50 33.27
C LEU C 76 10.97 15.28 32.65
N ALA C 77 10.80 16.59 32.53
CA ALA C 77 11.86 17.43 31.97
C ALA C 77 13.14 17.27 32.77
N GLU C 78 12.99 17.20 34.09
CA GLU C 78 14.14 17.06 34.98
C GLU C 78 14.88 15.76 34.69
N VAL C 79 14.12 14.67 34.54
CA VAL C 79 14.71 13.36 34.28
C VAL C 79 15.41 13.31 32.92
N VAL C 80 14.75 13.84 31.90
CA VAL C 80 15.33 13.85 30.56
C VAL C 80 16.62 14.68 30.54
N SER C 81 16.57 15.88 31.12
CA SER C 81 17.72 16.77 31.22
C SER C 81 18.90 16.06 31.87
N ARG C 82 18.66 15.38 32.98
CA ARG C 82 19.71 14.66 33.70
C ARG C 82 20.28 13.52 32.86
N ALA C 83 19.41 12.79 32.18
CA ALA C 83 19.84 11.68 31.32
C ALA C 83 20.68 12.18 30.14
N VAL C 84 20.23 13.27 29.51
CA VAL C 84 20.96 13.84 28.39
C VAL C 84 22.31 14.40 28.83
N SER C 85 22.33 15.02 30.02
CA SER C 85 23.58 15.57 30.55
C SER C 85 24.57 14.46 30.90
N ASP C 86 24.06 13.31 31.30
CA ASP C 86 24.90 12.14 31.62
C ASP C 86 25.38 11.39 30.37
N GLY C 87 25.02 11.90 29.19
CA GLY C 87 25.47 11.29 27.94
C GLY C 87 24.57 10.23 27.33
N TYR C 88 23.31 10.18 27.74
CA TYR C 88 22.36 9.24 27.13
C TYR C 88 21.54 9.85 26.00
N SER C 89 21.37 9.10 24.91
CA SER C 89 20.25 9.35 23.99
C SER C 89 18.99 8.95 24.76
N CYS C 90 17.95 9.77 24.71
CA CYS C 90 16.79 9.54 25.56
CA CYS C 90 16.78 9.56 25.56
C CYS C 90 15.56 9.02 24.82
N VAL C 91 15.15 7.80 25.15
CA VAL C 91 13.91 7.24 24.62
C VAL C 91 12.80 7.39 25.64
N THR C 92 11.77 8.14 25.31
CA THR C 92 10.63 8.27 26.22
C THR C 92 9.37 7.59 25.68
N LEU C 93 8.82 6.67 26.46
CA LEU C 93 7.64 5.93 26.05
C LEU C 93 6.39 6.53 26.72
N GLY C 94 5.37 6.79 25.90
CA GLY C 94 4.12 7.33 26.41
C GLY C 94 3.05 6.24 26.52
N GLY C 95 1.87 6.62 27.00
CA GLY C 95 1.58 8.00 27.40
C GLY C 95 1.14 8.89 26.25
N ASP C 96 0.29 9.88 26.53
CA ASP C 96 -0.22 10.78 25.50
C ASP C 96 0.83 11.83 25.12
N HIS C 97 0.61 12.51 24.00
CA HIS C 97 1.62 13.42 23.44
C HIS C 97 1.92 14.69 24.26
N SER C 98 1.11 15.01 25.27
CA SER C 98 1.39 16.17 26.10
C SER C 98 2.74 16.04 26.82
N LEU C 99 3.25 14.82 26.91
CA LEU C 99 4.54 14.61 27.55
C LEU C 99 5.72 15.17 26.73
N ALA C 100 5.47 15.53 25.48
CA ALA C 100 6.52 16.15 24.65
C ALA C 100 6.90 17.53 25.18
N ILE C 101 5.96 18.21 25.84
CA ILE C 101 6.29 19.44 26.54
C ILE C 101 7.49 19.20 27.47
N GLY C 102 7.43 18.11 28.23
CA GLY C 102 8.50 17.77 29.15
C GLY C 102 9.79 17.25 28.52
N THR C 103 9.69 16.39 27.52
CA THR C 103 10.89 15.79 26.94
C THR C 103 11.66 16.80 26.12
N ILE C 104 10.94 17.66 25.41
CA ILE C 104 11.58 18.68 24.60
C ILE C 104 12.18 19.79 25.47
N SER C 105 11.49 20.18 26.54
CA SER C 105 12.03 21.18 27.49
C SER C 105 13.30 20.67 28.19
N GLY C 106 13.26 19.41 28.61
CA GLY C 106 14.40 18.82 29.30
C GLY C 106 15.58 18.65 28.36
N HIS C 107 15.29 18.23 27.13
CA HIS C 107 16.29 18.04 26.10
C HIS C 107 16.94 19.39 25.73
N ALA C 108 16.12 20.43 25.62
CA ALA C 108 16.60 21.73 25.15
C ALA C 108 17.48 22.42 26.19
N ARG C 109 17.27 22.07 27.45
CA ARG C 109 18.02 22.62 28.56
C ARG C 109 19.52 22.45 28.37
N HIS C 110 19.95 21.29 27.86
CA HIS C 110 21.38 21.05 27.61
C HIS C 110 21.78 21.11 26.13
N CYS C 111 20.81 20.93 25.24
CA CYS C 111 21.07 21.11 23.82
C CYS C 111 20.09 22.13 23.25
N PRO C 112 20.38 23.43 23.45
CA PRO C 112 19.49 24.53 23.02
C PRO C 112 19.39 24.71 21.51
N ASP C 113 20.36 24.21 20.75
CA ASP C 113 20.25 24.29 19.29
C ASP C 113 19.56 23.05 18.71
N LEU C 114 18.83 22.31 19.53
CA LEU C 114 18.16 21.10 19.02
C LEU C 114 17.11 21.45 17.95
N CYS C 115 16.81 20.49 17.09
CA CYS C 115 15.69 20.65 16.17
C CYS C 115 14.75 19.45 16.35
N VAL C 116 13.54 19.58 15.82
CA VAL C 116 12.47 18.64 16.12
C VAL C 116 11.83 18.08 14.87
N VAL C 117 11.74 16.76 14.82
CA VAL C 117 10.96 16.08 13.80
C VAL C 117 9.73 15.49 14.46
N TRP C 118 8.57 15.98 14.05
CA TRP C 118 7.29 15.66 14.65
C TRP C 118 6.52 14.81 13.64
N VAL C 119 6.46 13.50 13.90
CA VAL C 119 5.82 12.54 12.99
C VAL C 119 4.45 12.19 13.55
N ASP C 120 3.39 12.49 12.81
CA ASP C 120 2.08 12.59 13.44
C ASP C 120 1.00 12.82 12.40
N ALA C 121 -0.18 12.24 12.61
CA ALA C 121 -1.35 12.58 11.82
C ALA C 121 -1.83 14.02 12.09
N HIS C 122 -1.44 14.54 13.25
CA HIS C 122 -1.95 15.79 13.80
C HIS C 122 -0.82 16.80 14.03
N ALA C 123 -1.17 18.07 14.09
CA ALA C 123 -0.17 19.13 14.23
C ALA C 123 0.14 19.47 15.70
N ASP C 124 -0.77 19.11 16.60
CA ASP C 124 -0.57 19.27 18.05
C ASP C 124 -0.19 20.70 18.45
N ILE C 125 -0.71 21.67 17.72
CA ILE C 125 -0.26 23.06 17.85
C ILE C 125 -1.41 24.04 18.18
N ASN C 126 -2.58 23.49 18.55
CA ASN C 126 -3.61 24.32 19.12
C ASN C 126 -3.06 25.00 20.36
N THR C 127 -3.56 26.20 20.66
CA THR C 127 -3.24 26.86 21.93
C THR C 127 -4.44 26.70 22.86
N PRO C 128 -4.30 27.13 24.13
CA PRO C 128 -5.48 27.14 25.01
C PRO C 128 -6.64 28.00 24.49
N LEU C 129 -6.35 28.92 23.55
CA LEU C 129 -7.39 29.77 22.99
C LEU C 129 -7.99 29.22 21.68
N THR C 130 -7.38 28.20 21.09
CA THR C 130 -7.89 27.65 19.85
C THR C 130 -8.43 26.23 19.96
N THR C 131 -8.01 25.49 20.98
CA THR C 131 -8.47 24.11 21.14
C THR C 131 -9.99 24.01 21.30
N SER C 132 -10.57 23.01 20.66
CA SER C 132 -12.00 22.78 20.77
C SER C 132 -12.27 21.51 21.59
N SER C 133 -11.21 20.82 21.99
CA SER C 133 -11.34 19.60 22.78
C SER C 133 -10.98 19.85 24.24
N GLY C 134 -10.05 20.78 24.48
CA GLY C 134 -9.56 21.05 25.81
C GLY C 134 -8.43 20.09 26.20
N ASN C 135 -8.05 19.21 25.28
CA ASN C 135 -7.07 18.17 25.57
C ASN C 135 -5.66 18.63 25.26
N LEU C 136 -4.82 18.62 26.28
CA LEU C 136 -3.49 19.17 26.17
C LEU C 136 -2.57 18.40 25.19
N HIS C 137 -2.88 17.14 24.91
CA HIS C 137 -2.05 16.39 23.94
C HIS C 137 -2.19 16.94 22.52
N GLY C 138 -3.12 17.86 22.32
CA GLY C 138 -3.30 18.51 21.02
C GLY C 138 -2.78 19.93 21.03
N GLN C 139 -2.10 20.29 22.11
CA GLN C 139 -1.48 21.60 22.24
C GLN C 139 0.03 21.66 22.54
N PRO C 140 0.75 20.51 22.59
CA PRO C 140 2.08 20.66 23.19
C PRO C 140 3.04 21.61 22.44
N VAL C 141 2.96 21.66 21.12
CA VAL C 141 3.88 22.48 20.34
C VAL C 141 3.72 23.98 20.66
N SER C 142 2.48 24.39 20.94
CA SER C 142 2.17 25.80 21.25
C SER C 142 2.96 26.34 22.45
N PHE C 143 3.23 25.49 23.43
CA PHE C 143 4.02 25.89 24.60
C PHE C 143 5.51 25.90 24.31
N LEU C 144 5.92 25.26 23.23
CA LEU C 144 7.34 25.11 22.94
C LEU C 144 7.90 26.16 21.97
N LEU C 145 7.04 26.74 21.13
CA LEU C 145 7.47 27.65 20.05
C LEU C 145 7.60 29.10 20.49
N ARG C 146 8.81 29.66 20.32
CA ARG C 146 9.09 31.03 20.74
C ARG C 146 8.13 32.02 20.13
N GLU C 147 7.85 31.86 18.84
CA GLU C 147 7.08 32.83 18.09
C GLU C 147 5.61 32.87 18.54
N LEU C 148 5.17 31.85 19.26
CA LEU C 148 3.76 31.77 19.62
C LEU C 148 3.46 32.34 21.01
N GLN C 149 4.50 32.65 21.79
CA GLN C 149 4.30 32.90 23.22
C GLN C 149 3.37 34.06 23.58
N ASP C 150 3.26 35.04 22.70
CA ASP C 150 2.33 36.17 22.91
C ASP C 150 0.87 35.78 22.75
N LYS C 151 0.61 34.64 22.12
CA LYS C 151 -0.76 34.17 21.89
C LYS C 151 -1.12 32.99 22.81
N VAL C 152 -0.21 32.62 23.70
CA VAL C 152 -0.45 31.50 24.62
C VAL C 152 -0.56 31.97 26.08
N PRO C 153 -1.75 31.88 26.67
CA PRO C 153 -1.97 32.32 28.06
C PRO C 153 -1.22 31.43 29.04
N GLN C 154 -1.02 31.96 30.24
CA GLN C 154 -0.34 31.25 31.30
C GLN C 154 -1.30 30.29 32.03
N LEU C 155 -0.97 29.00 32.02
CA LEU C 155 -1.80 27.98 32.64
C LEU C 155 -1.28 27.62 34.04
N PRO C 156 -2.19 27.25 34.96
CA PRO C 156 -1.73 26.79 36.26
C PRO C 156 -0.86 25.54 36.09
N GLY C 157 0.31 25.56 36.72
CA GLY C 157 1.26 24.48 36.60
C GLY C 157 2.21 24.60 35.41
N PHE C 158 2.03 25.64 34.61
CA PHE C 158 2.86 25.80 33.41
C PHE C 158 3.94 26.87 33.52
N SER C 159 4.10 27.47 34.69
CA SER C 159 4.94 28.67 34.80
C SER C 159 6.45 28.43 34.64
N TRP C 160 6.88 27.20 34.94
CA TRP C 160 8.28 26.79 34.77
C TRP C 160 8.71 26.70 33.30
N ILE C 161 7.75 26.69 32.38
CA ILE C 161 8.06 26.44 30.96
C ILE C 161 8.62 27.66 30.24
N LYS C 162 9.78 27.48 29.61
CA LYS C 162 10.41 28.50 28.78
C LYS C 162 10.50 28.03 27.33
N PRO C 163 9.62 28.55 26.45
CA PRO C 163 9.63 28.20 25.01
C PRO C 163 11.06 28.18 24.45
N CYS C 164 11.40 27.09 23.76
CA CYS C 164 12.79 26.80 23.46
C CYS C 164 13.04 26.43 22.00
N ILE C 165 11.99 26.46 21.19
CA ILE C 165 12.11 26.11 19.78
C ILE C 165 11.65 27.29 18.93
N SER C 166 12.41 27.60 17.90
CA SER C 166 11.94 28.55 16.90
C SER C 166 11.14 27.78 15.86
N SER C 167 10.20 28.47 15.24
CA SER C 167 9.30 27.87 14.27
C SER C 167 10.04 27.30 13.04
N ALA C 168 11.28 27.74 12.83
CA ALA C 168 12.07 27.23 11.73
C ALA C 168 12.75 25.94 12.12
N SER C 169 12.62 25.57 13.39
CA SER C 169 13.36 24.43 13.93
C SER C 169 12.53 23.17 14.18
N ILE C 170 11.27 23.18 13.74
CA ILE C 170 10.43 21.98 13.77
C ILE C 170 9.89 21.65 12.37
N VAL C 171 10.00 20.39 11.96
CA VAL C 171 9.34 19.93 10.75
C VAL C 171 8.35 18.81 11.08
N TYR C 172 7.15 18.91 10.52
CA TYR C 172 6.15 17.86 10.64
C TYR C 172 6.17 16.92 9.43
N ILE C 173 5.90 15.64 9.71
CA ILE C 173 5.70 14.63 8.68
C ILE C 173 4.48 13.77 9.01
N GLY C 174 3.51 13.76 8.09
CA GLY C 174 2.40 12.83 8.16
C GLY C 174 1.04 13.47 8.37
N LEU C 175 0.98 14.79 8.44
CA LEU C 175 -0.26 15.49 8.78
C LEU C 175 -1.42 15.12 7.88
N ARG C 176 -2.60 14.95 8.47
CA ARG C 176 -3.80 14.67 7.72
C ARG C 176 -5.11 15.06 8.44
N ASP C 177 -4.99 15.51 9.69
CA ASP C 177 -6.15 15.92 10.49
C ASP C 177 -5.76 17.19 11.25
N VAL C 178 -5.99 18.33 10.63
CA VAL C 178 -5.51 19.61 11.14
C VAL C 178 -6.71 20.52 11.38
N ASP C 179 -6.83 21.08 12.58
CA ASP C 179 -7.92 22.00 12.88
C ASP C 179 -7.63 23.32 12.17
N PRO C 180 -8.67 24.05 11.75
CA PRO C 180 -8.46 25.33 11.06
C PRO C 180 -7.58 26.34 11.83
N PRO C 181 -7.75 26.48 13.15
CA PRO C 181 -6.79 27.41 13.77
C PRO C 181 -5.34 26.94 13.67
N GLU C 182 -5.13 25.62 13.61
CA GLU C 182 -3.78 25.09 13.47
C GLU C 182 -3.22 25.35 12.08
N HIS C 183 -4.06 25.19 11.07
CA HIS C 183 -3.65 25.48 9.72
C HIS C 183 -3.23 26.96 9.61
N PHE C 184 -4.03 27.85 10.19
CA PHE C 184 -3.70 29.27 10.24
C PHE C 184 -2.35 29.48 10.91
N ILE C 185 -2.16 28.86 12.06
CA ILE C 185 -0.87 28.95 12.75
C ILE C 185 0.30 28.47 11.90
N LEU C 186 0.17 27.31 11.28
CA LEU C 186 1.24 26.76 10.46
C LEU C 186 1.65 27.71 9.32
N LYS C 187 0.66 28.22 8.58
CA LYS C 187 0.92 29.14 7.47
C LYS C 187 1.43 30.49 7.95
N ASN C 188 0.83 31.01 9.02
CA ASN C 188 1.16 32.33 9.54
C ASN C 188 2.58 32.42 10.09
N TYR C 189 3.07 31.33 10.67
CA TYR C 189 4.43 31.34 11.20
C TYR C 189 5.40 30.60 10.27
N ASP C 190 4.92 30.22 9.09
CA ASP C 190 5.76 29.56 8.09
C ASP C 190 6.44 28.29 8.62
N ILE C 191 5.72 27.55 9.47
CA ILE C 191 6.23 26.27 9.96
C ILE C 191 6.14 25.23 8.83
N GLN C 192 7.23 24.54 8.56
CA GLN C 192 7.29 23.61 7.44
C GLN C 192 6.72 22.26 7.79
N TYR C 193 5.94 21.71 6.87
CA TYR C 193 5.36 20.40 7.08
C TYR C 193 5.20 19.60 5.80
N PHE C 194 5.24 18.28 5.94
CA PHE C 194 4.96 17.39 4.84
C PHE C 194 3.74 16.56 5.18
N SER C 195 2.62 16.94 4.59
CA SER C 195 1.37 16.25 4.86
C SER C 195 1.38 14.91 4.15
N MET C 196 0.37 14.07 4.39
CA MET C 196 0.23 12.82 3.64
C MET C 196 0.20 13.12 2.14
N ARG C 197 -0.46 14.22 1.80
CA ARG C 197 -0.52 14.70 0.43
C ARG C 197 0.88 14.95 -0.14
N ASP C 198 1.73 15.66 0.61
CA ASP C 198 3.11 15.86 0.18
C ASP C 198 3.87 14.55 0.01
N ILE C 199 3.56 13.57 0.84
CA ILE C 199 4.24 12.30 0.75
C ILE C 199 3.79 11.57 -0.53
N ASP C 200 2.50 11.68 -0.86
CA ASP C 200 1.96 11.07 -2.07
C ASP C 200 2.65 11.61 -3.32
N ARG C 201 3.02 12.89 -3.27
CA ARG C 201 3.63 13.61 -4.38
C ARG C 201 5.12 13.35 -4.44
N LEU C 202 5.80 13.56 -3.32
CA LEU C 202 7.26 13.55 -3.30
C LEU C 202 7.86 12.16 -3.11
N GLY C 203 7.15 11.29 -2.40
CA GLY C 203 7.76 10.05 -1.93
C GLY C 203 8.52 10.33 -0.63
N ILE C 204 8.56 9.35 0.26
CA ILE C 204 9.20 9.53 1.56
C ILE C 204 10.70 9.84 1.49
N GLN C 205 11.41 9.37 0.45
CA GLN C 205 12.83 9.70 0.35
C GLN C 205 13.06 11.20 0.16
N LYS C 206 12.35 11.80 -0.79
CA LYS C 206 12.44 13.25 -0.97
C LYS C 206 12.00 14.02 0.28
N VAL C 207 10.96 13.53 0.95
CA VAL C 207 10.48 14.16 2.16
C VAL C 207 11.58 14.23 3.21
N MET C 208 12.35 13.16 3.39
CA MET C 208 13.37 13.16 4.42
C MET C 208 14.56 14.03 4.04
N GLU C 209 14.93 14.00 2.75
CA GLU C 209 15.98 14.86 2.23
C GLU C 209 15.69 16.32 2.56
N ARG C 210 14.49 16.77 2.20
CA ARG C 210 14.09 18.15 2.41
C ARG C 210 13.95 18.50 3.88
N THR C 211 13.45 17.53 4.65
CA THR C 211 13.36 17.70 6.09
C THR C 211 14.73 18.04 6.64
N PHE C 212 15.73 17.23 6.33
CA PHE C 212 17.05 17.45 6.87
C PHE C 212 17.72 18.71 6.29
N ASP C 213 17.46 19.00 5.03
CA ASP C 213 17.96 20.22 4.45
C ASP C 213 17.48 21.44 5.25
N LEU C 214 16.21 21.46 5.63
CA LEU C 214 15.63 22.56 6.41
C LEU C 214 16.22 22.67 7.83
N LEU C 215 16.54 21.54 8.42
CA LEU C 215 16.92 21.54 9.83
C LEU C 215 18.42 21.55 10.00
N ILE C 216 19.12 20.72 9.23
CA ILE C 216 20.56 20.58 9.42
C ILE C 216 21.36 20.84 8.15
N GLY C 217 20.74 21.48 7.16
CA GLY C 217 21.41 21.86 5.93
C GLY C 217 22.61 22.80 6.09
N LYS C 218 22.58 23.64 7.13
CA LYS C 218 23.67 24.59 7.38
C LYS C 218 24.63 24.15 8.49
N ARG C 219 24.11 23.43 9.47
CA ARG C 219 24.92 22.98 10.59
C ARG C 219 24.36 21.70 11.20
N GLN C 220 25.22 20.94 11.87
CA GLN C 220 24.80 19.76 12.62
C GLN C 220 24.06 20.22 13.86
N ARG C 221 22.90 19.62 14.12
CA ARG C 221 22.16 19.91 15.35
C ARG C 221 21.66 18.61 15.95
N PRO C 222 21.57 18.55 17.29
CA PRO C 222 20.96 17.37 17.90
C PRO C 222 19.48 17.28 17.51
N ILE C 223 19.02 16.08 17.20
CA ILE C 223 17.68 15.88 16.68
C ILE C 223 16.78 15.27 17.74
N HIS C 224 15.62 15.90 17.92
CA HIS C 224 14.57 15.31 18.75
C HIS C 224 13.47 14.76 17.83
N LEU C 225 13.25 13.44 17.88
CA LEU C 225 12.20 12.80 17.09
C LEU C 225 10.99 12.55 17.98
N SER C 226 9.90 13.24 17.70
CA SER C 226 8.68 13.04 18.48
C SER C 226 7.67 12.28 17.60
N PHE C 227 7.52 10.98 17.87
CA PHE C 227 6.77 10.11 16.97
C PHE C 227 5.46 9.66 17.60
N ASP C 228 4.35 10.14 17.04
CA ASP C 228 3.01 9.75 17.51
C ASP C 228 2.63 8.52 16.69
N ILE C 229 2.31 7.41 17.37
CA ILE C 229 2.05 6.17 16.68
C ILE C 229 0.90 6.32 15.68
N ASP C 230 0.00 7.29 15.91
CA ASP C 230 -1.12 7.53 14.98
C ASP C 230 -0.73 8.14 13.61
N ALA C 231 0.55 8.44 13.42
CA ALA C 231 1.03 8.81 12.10
C ALA C 231 0.80 7.63 11.15
N PHE C 232 0.94 6.42 11.67
CA PHE C 232 0.72 5.21 10.86
C PHE C 232 -0.75 5.05 10.54
N ASP C 233 -1.04 4.47 9.39
CA ASP C 233 -2.42 4.13 9.07
C ASP C 233 -3.05 3.28 10.19
N PRO C 234 -4.35 3.50 10.49
CA PRO C 234 -5.03 2.74 11.54
C PRO C 234 -5.06 1.23 11.32
N THR C 235 -4.90 0.76 10.09
CA THR C 235 -4.83 -0.67 9.85
C THR C 235 -3.61 -1.29 10.50
N LEU C 236 -2.55 -0.50 10.66
CA LEU C 236 -1.28 -0.94 11.23
C LEU C 236 -1.14 -0.59 12.72
N ALA C 237 -1.69 0.55 13.11
CA ALA C 237 -1.61 0.99 14.50
C ALA C 237 -3.01 1.28 15.01
N PRO C 238 -3.83 0.23 15.21
CA PRO C 238 -5.21 0.51 15.63
C PRO C 238 -5.33 0.89 17.10
N ALA C 239 -4.37 0.51 17.94
CA ALA C 239 -4.51 0.76 19.38
C ALA C 239 -4.00 2.15 19.74
N THR C 240 -4.80 3.15 19.40
CA THR C 240 -4.42 4.54 19.63
C THR C 240 -5.70 5.37 19.71
N GLY C 241 -5.62 6.53 20.35
CA GLY C 241 -6.80 7.28 20.74
C GLY C 241 -7.49 8.08 19.64
N THR C 242 -6.73 8.60 18.69
CA THR C 242 -7.30 9.41 17.62
CA THR C 242 -7.30 9.42 17.63
C THR C 242 -6.84 8.94 16.24
N PRO C 243 -7.32 7.76 15.81
CA PRO C 243 -6.88 7.23 14.52
C PRO C 243 -7.46 8.00 13.34
N VAL C 244 -6.67 8.16 12.29
CA VAL C 244 -7.13 8.82 11.07
C VAL C 244 -6.72 8.01 9.85
N VAL C 245 -7.69 7.62 9.02
CA VAL C 245 -7.40 6.84 7.83
C VAL C 245 -6.40 7.52 6.88
N GLY C 246 -5.69 6.71 6.10
CA GLY C 246 -4.79 7.21 5.08
C GLY C 246 -3.45 7.66 5.63
N GLY C 247 -2.88 6.88 6.56
CA GLY C 247 -1.61 7.22 7.16
C GLY C 247 -0.37 6.64 6.49
N LEU C 248 0.76 6.73 7.19
CA LEU C 248 2.01 6.14 6.75
C LEU C 248 1.86 4.63 6.60
N THR C 249 2.54 4.06 5.60
CA THR C 249 2.66 2.61 5.51
C THR C 249 3.74 2.17 6.49
N TYR C 250 3.88 0.87 6.65
CA TYR C 250 4.94 0.29 7.46
C TYR C 250 6.29 0.73 6.93
N ARG C 251 6.50 0.52 5.64
CA ARG C 251 7.77 0.86 5.00
C ARG C 251 8.10 2.35 5.12
N GLU C 252 7.10 3.21 4.97
CA GLU C 252 7.39 4.64 5.12
C GLU C 252 7.89 4.93 6.52
N GLY C 253 7.24 4.33 7.52
CA GLY C 253 7.63 4.57 8.89
C GLY C 253 9.06 4.12 9.16
N MET C 254 9.40 2.94 8.64
CA MET C 254 10.76 2.44 8.79
C MET C 254 11.76 3.35 8.09
N TYR C 255 11.38 3.82 6.90
CA TYR C 255 12.26 4.69 6.13
C TYR C 255 12.55 5.99 6.90
N ILE C 256 11.51 6.59 7.46
CA ILE C 256 11.68 7.78 8.29
C ILE C 256 12.69 7.50 9.40
N ALA C 257 12.47 6.40 10.11
CA ALA C 257 13.30 6.06 11.24
C ALA C 257 14.75 5.80 10.82
N GLU C 258 14.92 5.05 9.73
CA GLU C 258 16.24 4.78 9.17
C GLU C 258 16.99 6.05 8.82
N GLU C 259 16.30 7.04 8.24
CA GLU C 259 16.97 8.30 7.91
C GLU C 259 17.37 9.08 9.17
N ILE C 260 16.50 9.08 10.18
CA ILE C 260 16.85 9.71 11.45
C ILE C 260 18.14 9.09 11.98
N HIS C 261 18.19 7.76 12.03
CA HIS C 261 19.41 7.08 12.44
C HIS C 261 20.63 7.47 11.58
N ASN C 262 20.46 7.47 10.26
CA ASN C 262 21.54 7.80 9.34
C ASN C 262 22.17 9.19 9.52
N THR C 263 21.45 10.14 10.11
CA THR C 263 22.03 11.47 10.38
C THR C 263 23.15 11.38 11.43
N GLY C 264 23.08 10.37 12.29
CA GLY C 264 24.00 10.24 13.40
C GLY C 264 23.74 11.27 14.50
N LEU C 265 22.64 12.01 14.39
CA LEU C 265 22.39 13.14 15.29
C LEU C 265 21.23 12.95 16.25
N LEU C 266 20.59 11.78 16.21
CA LEU C 266 19.43 11.53 17.08
C LEU C 266 19.85 11.59 18.55
N SER C 267 19.21 12.48 19.30
CA SER C 267 19.59 12.68 20.69
C SER C 267 18.46 12.30 21.67
N ALA C 268 17.22 12.41 21.22
CA ALA C 268 16.05 11.99 22.01
C ALA C 268 14.88 11.63 21.10
N LEU C 269 14.06 10.70 21.58
CA LEU C 269 12.94 10.15 20.82
C LEU C 269 11.75 9.93 21.76
N ASP C 270 10.57 10.41 21.35
CA ASP C 270 9.31 10.09 22.03
C ASP C 270 8.55 9.09 21.18
N LEU C 271 7.99 8.05 21.81
CA LEU C 271 7.07 7.16 21.13
C LEU C 271 5.77 7.16 21.93
N VAL C 272 4.80 7.91 21.44
CA VAL C 272 3.63 8.20 22.23
C VAL C 272 2.34 7.68 21.64
N GLU C 273 1.31 7.63 22.49
CA GLU C 273 -0.08 7.37 22.11
C GLU C 273 -0.44 5.91 21.81
N VAL C 274 0.43 4.97 22.17
CA VAL C 274 0.02 3.58 22.17
C VAL C 274 -0.96 3.34 23.33
N ASN C 275 -2.22 3.04 23.02
CA ASN C 275 -3.24 2.74 24.03
C ASN C 275 -3.75 1.33 23.80
N PRO C 276 -3.19 0.36 24.53
CA PRO C 276 -3.54 -1.07 24.33
C PRO C 276 -5.01 -1.39 24.60
N GLN C 277 -5.69 -0.62 25.44
CA GLN C 277 -7.12 -0.86 25.71
C GLN C 277 -8.06 -0.56 24.55
N LEU C 278 -7.60 0.22 23.57
CA LEU C 278 -8.48 0.59 22.47
C LEU C 278 -8.45 -0.43 21.35
N ALA C 279 -7.58 -1.42 21.48
CA ALA C 279 -7.57 -2.53 20.56
C ALA C 279 -8.88 -3.33 20.72
N THR C 280 -9.43 -3.80 19.60
CA THR C 280 -10.61 -4.67 19.69
C THR C 280 -10.20 -6.13 19.91
N SER C 281 -8.89 -6.40 19.89
CA SER C 281 -8.36 -7.73 20.15
C SER C 281 -6.94 -7.60 20.67
N GLU C 282 -6.49 -8.62 21.40
CA GLU C 282 -5.12 -8.62 21.94
C GLU C 282 -4.08 -8.57 20.81
N GLU C 283 -4.38 -9.26 19.73
CA GLU C 283 -3.59 -9.19 18.51
C GLU C 283 -3.43 -7.74 17.99
N GLU C 284 -4.53 -7.00 17.85
CA GLU C 284 -4.47 -5.58 17.51
C GLU C 284 -3.57 -4.78 18.47
N ALA C 285 -3.64 -5.07 19.76
CA ALA C 285 -2.82 -4.38 20.74
C ALA C 285 -1.35 -4.72 20.54
N LYS C 286 -1.10 -6.01 20.33
CA LYS C 286 0.28 -6.47 20.17
C LYS C 286 0.93 -5.97 18.89
N THR C 287 0.19 -5.94 17.78
CA THR C 287 0.77 -5.49 16.53
CA THR C 287 0.79 -5.49 16.53
C THR C 287 1.15 -4.00 16.65
N THR C 288 0.28 -3.21 17.28
CA THR C 288 0.60 -1.80 17.54
C THR C 288 1.88 -1.65 18.36
N ALA C 289 2.00 -2.43 19.42
CA ALA C 289 3.18 -2.37 20.27
C ALA C 289 4.42 -2.85 19.54
N ASN C 290 4.25 -3.89 18.73
CA ASN C 290 5.32 -4.38 17.86
C ASN C 290 5.80 -3.32 16.88
N LEU C 291 4.85 -2.58 16.33
CA LEU C 291 5.15 -1.48 15.42
C LEU C 291 5.95 -0.41 16.14
N ALA C 292 5.54 -0.08 17.37
CA ALA C 292 6.29 0.88 18.18
C ALA C 292 7.74 0.44 18.40
N VAL C 293 7.98 -0.83 18.71
CA VAL C 293 9.34 -1.32 18.88
C VAL C 293 10.15 -1.23 17.57
N ASP C 294 9.52 -1.59 16.45
CA ASP C 294 10.16 -1.41 15.14
C ASP C 294 10.63 0.03 14.86
N VAL C 295 9.80 1.02 15.14
CA VAL C 295 10.19 2.42 14.94
C VAL C 295 11.42 2.79 15.75
N ILE C 296 11.38 2.47 17.03
CA ILE C 296 12.43 2.84 17.97
C ILE C 296 13.72 2.16 17.58
N ALA C 297 13.63 0.85 17.31
CA ALA C 297 14.81 0.08 16.93
C ALA C 297 15.44 0.62 15.65
N SER C 298 14.61 0.95 14.67
CA SER C 298 15.10 1.48 13.41
CA SER C 298 15.12 1.47 13.42
C SER C 298 15.73 2.85 13.61
N SER C 299 15.17 3.63 14.53
CA SER C 299 15.73 4.94 14.83
C SER C 299 17.14 4.81 15.44
N PHE C 300 17.45 3.67 16.02
CA PHE C 300 18.78 3.45 16.61
C PHE C 300 19.65 2.47 15.85
N GLY C 301 19.27 2.16 14.60
CA GLY C 301 20.16 1.46 13.72
C GLY C 301 19.72 0.16 13.13
N GLN C 302 18.58 -0.38 13.57
CA GLN C 302 18.11 -1.61 12.93
C GLN C 302 17.87 -1.37 11.43
N THR C 303 18.41 -2.26 10.61
CA THR C 303 18.31 -2.12 9.15
C THR C 303 17.45 -3.21 8.57
N ARG C 304 17.03 -3.00 7.33
CA ARG C 304 16.32 -4.03 6.59
C ARG C 304 17.27 -4.84 5.70
N GLU C 305 18.57 -4.61 5.76
CA GLU C 305 19.46 -5.39 4.92
C GLU C 305 20.58 -6.12 5.65
N GLY C 306 20.52 -6.14 6.99
CA GLY C 306 21.54 -6.85 7.76
C GLY C 306 22.83 -6.08 8.01
MN MN D . 13.81 -18.19 -0.49
MN MN E . 12.29 -16.19 1.74
C1 BEN F . 28.83 -27.61 15.42
C2 BEN F . 29.48 -26.42 15.72
C3 BEN F . 30.78 -26.20 15.26
C4 BEN F . 31.42 -27.19 14.51
C5 BEN F . 30.77 -28.39 14.22
C6 BEN F . 29.47 -28.60 14.68
C BEN F . 27.43 -27.82 15.92
N1 BEN F . 26.55 -28.46 15.16
N2 BEN F . 27.08 -27.35 17.11
C1 BME G . 3.06 -16.05 -23.89
C2 BME G . 2.96 -17.49 -24.39
O1 BME G . 4.34 -15.82 -23.32
S2 BME G . 3.93 -18.54 -23.26
O3 1EE H . 17.37 -20.21 7.66
C1 1EE H . 18.01 -19.27 7.11
O2 1EE H . 19.18 -19.40 6.68
C4 1EE H . 17.33 -17.93 6.99
N5 1EE H . 18.37 -16.91 6.78
C6 1EE H . 16.38 -17.89 5.78
C7 1EE H . 15.03 -18.57 5.97
C8 1EE H . 14.15 -18.37 4.72
C9 1EE H . 14.52 -19.33 3.59
B10 1EE H . 13.81 -18.92 2.23
O22 1EE H . 13.79 -19.90 1.08
O12 1EE H . 13.99 -17.48 1.79
O11 1EE H . 12.33 -18.93 2.64
C13 1EE H . 16.59 -17.65 8.30
C14 1EE H . 17.62 -17.47 9.40
N15 1EE H . 17.01 -17.04 10.67
C20 1EE H . 18.09 -16.64 11.60
C19 1EE H . 17.47 -16.08 12.89
C18 1EE H . 16.63 -17.16 13.55
O21 1EE H . 15.96 -16.60 14.69
C17 1EE H . 15.60 -17.70 12.56
C16 1EE H . 16.24 -18.16 11.25
MN MN I . -17.60 1.27 -14.39
MN MN J . -15.63 -0.92 -12.85
C1 BEN K . -25.98 -13.81 -30.65
C2 BEN K . -24.75 -14.07 -31.24
C3 BEN K . -24.46 -13.54 -32.49
C4 BEN K . -25.39 -12.75 -33.16
C5 BEN K . -26.62 -12.49 -32.57
C6 BEN K . -26.91 -13.01 -31.32
C BEN K . -26.30 -14.36 -29.30
N1 BEN K . -25.87 -15.57 -28.96
N2 BEN K . -27.03 -13.65 -28.44
C1 BME L . -16.75 23.95 -1.52
C2 BME L . -18.06 24.63 -1.93
O1 BME L . -15.97 23.72 -2.69
S2 BME L . -18.96 23.55 -3.07
C1 BME M . -18.38 23.99 -22.24
C2 BME M . -19.05 25.25 -21.66
O1 BME M . -19.12 23.48 -23.37
S2 BME M . -20.19 24.90 -20.29
O3 1EE N . -19.30 -6.69 -18.51
C1 1EE N . -18.32 -6.08 -19.01
O2 1EE N . -18.37 -5.55 -20.14
C4 1EE N . -17.02 -6.02 -18.22
N5 1EE N . -15.96 -5.71 -19.17
C6 1EE N . -16.99 -4.90 -17.17
C7 1EE N . -18.01 -5.05 -16.04
C8 1EE N . -17.84 -3.93 -15.01
C9 1EE N . -18.65 -2.69 -15.38
B10 1EE N . -18.23 -1.40 -14.52
O22 1EE N . -19.25 -0.28 -14.56
O12 1EE N . -16.79 -1.01 -14.57
O11 1EE N . -18.30 -1.85 -13.04
C13 1EE N . -16.73 -7.38 -17.62
C14 1EE N . -16.43 -8.40 -18.72
N15 1EE N . -16.07 -9.71 -18.17
C20 1EE N . -15.51 -10.56 -19.25
C19 1EE N . -14.98 -11.88 -18.64
C18 1EE N . -16.11 -12.61 -17.94
O21 1EE N . -15.54 -13.72 -17.26
C17 1EE N . -16.82 -11.69 -16.92
C16 1EE N . -17.24 -10.37 -17.55
MN MN O . -1.73 12.36 16.58
MN MN P . 0.42 13.83 18.70
C1 BEN Q . -15.37 29.31 27.51
C2 BEN Q . -15.72 30.03 26.38
C3 BEN Q . -15.23 31.32 26.20
C4 BEN Q . -14.39 31.89 27.14
C5 BEN Q . -14.04 31.18 28.29
C6 BEN Q . -14.53 29.88 28.47
C BEN Q . -15.92 27.92 27.71
N1 BEN Q . -17.13 27.63 27.23
N2 BEN Q . -15.24 27.00 28.39
C1 BME R . 23.49 2.21 17.73
C2 BME R . 23.69 1.66 19.13
O1 BME R . 23.88 1.22 16.78
S2 BME R . 22.76 2.73 20.25
O3 1EE S . -7.73 17.77 20.38
C1 1EE S . -7.11 18.37 19.46
O2 1EE S . -6.72 19.56 19.55
C4 1EE S . -6.88 17.65 18.16
N5 1EE S . -6.52 18.68 17.19
C6 1EE S . -5.71 16.68 18.23
C7 1EE S . -5.97 15.35 18.96
C8 1EE S . -4.77 14.41 18.78
C9 1EE S . -3.59 14.78 19.66
B10 1EE S . -2.29 13.93 19.31
O22 1EE S . -1.20 13.84 20.35
O12 1EE S . -1.77 14.04 17.90
O11 1EE S . -2.77 12.46 19.34
C13 1EE S . -8.18 16.98 17.75
C14 1EE S . -9.26 18.02 17.54
N15 1EE S . -10.52 17.45 17.01
C20 1EE S . -11.44 18.54 16.64
C19 1EE S . -12.74 17.97 16.06
C18 1EE S . -13.40 17.10 17.13
O21 1EE S . -14.62 16.53 16.60
C17 1EE S . -12.44 16.00 17.52
C16 1EE S . -11.13 16.58 18.04
#